data_8XW6
#
_entry.id   8XW6
#
_cell.length_a   81.580
_cell.length_b   81.580
_cell.length_c   402.000
_cell.angle_alpha   90.00
_cell.angle_beta   90.00
_cell.angle_gamma   90.00
#
_symmetry.space_group_name_H-M   'P 43 2 2'
#
loop_
_entity.id
_entity.type
_entity.pdbx_description
1 polymer 'Pyruvate kinase'
2 non-polymer 'POTASSIUM ION'
3 non-polymer 'MAGNESIUM ION'
4 non-polymer 'OXALATE ION'
5 non-polymer "ADENOSINE-5'-TRIPHOSPHATE"
6 non-polymer 1,6-di-O-phosphono-beta-D-fructofuranose
7 water water
#
_entity_poly.entity_id   1
_entity_poly.type   'polypeptide(L)'
_entity_poly.pdbx_seq_one_letter_code
;MGSSHHHHHHSSGLVPRGSHMNKRVKIVATLGPAVEIRGGKKFGEDGYWGEKLDVEASAKNIAKLIEAGANTFRFNFSHG
DHQEQGERMATVKLAEKIAGKKVGFLLDTKGPEIRTELFEGEAKEYSYKTGEKIRVATKQGIKSTREVIALNVAGALDIY
DDVEVGRQVLVDDGKLGLRVVAKDDATREFEVEVENDGIIAKQKGVNIPNTKIPFPALAERDNDDIRFGLEQGINFIAIS
FVRTAKDVNEVRAICEETGNGHVQLFAKIENQQGIDNLDEIIEAADGIMIARGDMGIEVPFEMVPVYQKMIIKKVNAAGK
VVITATNMLETMTEKPRATRSEVSDVFNAVIDGTDATMLSGESANGKYPLESVTTMATIDKNAQALLNEYGRLDSDSFER
NSKTEVMASAVKDATSSMDIKLVVTLTKTGHTARLISKYRPNADILALTFDELTERGLMLNWGVIPMLTDAPSSTDDMFE
IAERKAVEAGLVESGDDIVIVAGVPVGEAVRTNTMRIRTVR
;
_entity_poly.pdbx_strand_id   A,B
#
# COMPACT_ATOMS: atom_id res chain seq x y z
N MET A 21 4.18 24.56 8.22
CA MET A 21 3.25 23.59 7.54
C MET A 21 2.69 22.59 8.58
N ASN A 22 1.37 22.38 8.56
CA ASN A 22 0.60 21.65 9.60
C ASN A 22 -0.06 20.44 8.98
N LYS A 23 -0.19 19.39 9.74
CA LYS A 23 -0.76 18.11 9.24
C LYS A 23 -2.29 18.21 9.33
N ARG A 24 -3.00 18.10 8.22
CA ARG A 24 -4.48 18.18 8.23
C ARG A 24 -5.11 16.79 8.48
N VAL A 25 -4.52 15.73 7.92
CA VAL A 25 -5.00 14.34 8.13
C VAL A 25 -4.62 13.95 9.57
N LYS A 26 -5.60 13.48 10.33
CA LYS A 26 -5.39 13.13 11.76
C LYS A 26 -4.79 11.72 11.89
N ILE A 27 -4.06 11.54 12.99
CA ILE A 27 -3.42 10.24 13.29
C ILE A 27 -4.05 9.68 14.57
N VAL A 28 -4.55 8.45 14.49
CA VAL A 28 -4.93 7.63 15.67
C VAL A 28 -3.79 6.68 15.93
N ALA A 29 -3.26 6.68 17.14
CA ALA A 29 -2.21 5.70 17.48
C ALA A 29 -2.73 4.76 18.58
N THR A 30 -2.62 3.48 18.37
CA THR A 30 -2.97 2.45 19.37
C THR A 30 -1.83 2.35 20.38
N LEU A 31 -2.16 2.47 21.66
CA LEU A 31 -1.18 2.38 22.76
C LEU A 31 -1.10 0.93 23.23
N GLY A 32 0.07 0.57 23.69
CA GLY A 32 0.39 -0.77 24.17
C GLY A 32 1.75 -0.74 24.84
N PRO A 33 2.34 -1.89 25.10
CA PRO A 33 3.64 -1.94 25.78
C PRO A 33 4.83 -1.32 25.03
N ALA A 34 4.75 -1.19 23.71
CA ALA A 34 5.86 -0.66 22.88
C ALA A 34 6.42 0.64 23.45
N VAL A 35 5.57 1.51 24.00
CA VAL A 35 6.02 2.83 24.49
C VAL A 35 6.27 2.80 26.00
N GLU A 36 5.98 1.70 26.67
CA GLU A 36 5.95 1.67 28.16
C GLU A 36 7.33 1.25 28.66
N ILE A 37 7.85 1.96 29.65
CA ILE A 37 9.08 1.57 30.38
C ILE A 37 8.65 0.84 31.67
N ARG A 38 9.28 -0.29 31.97
CA ARG A 38 9.01 -1.06 33.22
C ARG A 38 10.34 -1.29 33.94
N GLY A 39 10.46 -0.80 35.18
CA GLY A 39 11.70 -0.88 35.98
C GLY A 39 12.93 -0.55 35.16
N GLY A 40 12.90 0.57 34.43
CA GLY A 40 13.99 1.05 33.57
C GLY A 40 14.15 0.25 32.28
N LYS A 41 13.38 -0.81 32.03
CA LYS A 41 13.58 -1.64 30.81
C LYS A 41 12.61 -1.21 29.68
N LYS A 42 13.06 -1.37 28.43
CA LYS A 42 12.28 -1.13 27.19
C LYS A 42 11.54 -2.42 26.81
N PHE A 43 10.41 -2.31 26.10
CA PHE A 43 9.65 -3.46 25.52
C PHE A 43 10.65 -4.30 24.72
N GLY A 44 10.69 -5.63 24.88
CA GLY A 44 11.68 -6.47 24.18
C GLY A 44 12.89 -6.85 25.02
N GLU A 45 13.30 -6.08 26.04
CA GLU A 45 14.50 -6.39 26.88
C GLU A 45 14.20 -7.54 27.86
N ASP A 46 15.22 -8.29 28.30
CA ASP A 46 15.03 -9.46 29.21
C ASP A 46 14.56 -8.93 30.58
N GLY A 47 13.58 -9.60 31.20
CA GLY A 47 13.03 -9.24 32.53
C GLY A 47 12.03 -8.10 32.46
N TYR A 48 11.72 -7.56 31.27
CA TYR A 48 10.75 -6.45 31.05
C TYR A 48 9.50 -6.72 31.89
N TRP A 49 8.89 -7.88 31.70
CA TRP A 49 7.55 -8.22 32.25
C TRP A 49 7.60 -8.48 33.77
N GLY A 50 8.80 -8.72 34.33
CA GLY A 50 9.00 -8.94 35.77
C GLY A 50 9.05 -7.63 36.54
N GLU A 51 9.17 -6.50 35.81
CA GLU A 51 9.09 -5.14 36.38
C GLU A 51 7.66 -4.63 36.38
N LYS A 52 7.41 -3.61 37.20
CA LYS A 52 6.14 -2.84 37.26
C LYS A 52 6.31 -1.61 36.34
N LEU A 53 5.20 -1.03 35.89
CA LEU A 53 5.18 0.18 35.02
C LEU A 53 5.90 1.38 35.67
N ASP A 54 6.81 2.02 34.91
CA ASP A 54 7.41 3.33 35.25
C ASP A 54 6.56 4.42 34.58
N VAL A 55 5.62 4.99 35.32
CA VAL A 55 4.54 5.87 34.81
C VAL A 55 5.17 7.11 34.13
N GLU A 56 6.14 7.77 34.78
CA GLU A 56 6.68 9.05 34.29
C GLU A 56 7.51 8.78 33.05
N ALA A 57 8.37 7.77 33.08
CA ALA A 57 9.20 7.47 31.92
C ALA A 57 8.28 7.08 30.75
N SER A 58 7.16 6.41 31.01
CA SER A 58 6.22 5.98 29.95
C SER A 58 5.51 7.21 29.38
N ALA A 59 5.05 8.13 30.23
CA ALA A 59 4.40 9.41 29.86
C ALA A 59 5.34 10.24 28.96
N LYS A 60 6.65 10.28 29.22
CA LYS A 60 7.60 11.03 28.35
C LYS A 60 7.65 10.39 26.98
N ASN A 61 7.67 9.06 26.89
CA ASN A 61 7.61 8.36 25.58
C ASN A 61 6.31 8.75 24.85
N ILE A 62 5.17 8.72 25.52
CA ILE A 62 3.87 9.01 24.86
C ILE A 62 3.84 10.49 24.41
N ALA A 63 4.44 11.40 25.17
CA ALA A 63 4.49 12.85 24.87
C ALA A 63 5.22 13.04 23.55
N LYS A 64 6.25 12.26 23.26
CA LYS A 64 6.98 12.30 21.98
C LYS A 64 6.03 11.93 20.82
N LEU A 65 5.14 10.95 21.01
CA LEU A 65 4.15 10.55 19.97
C LEU A 65 3.17 11.71 19.74
N ILE A 66 2.72 12.37 20.81
CA ILE A 66 1.84 13.57 20.67
C ILE A 66 2.57 14.63 19.83
N GLU A 67 3.83 14.91 20.13
CA GLU A 67 4.65 15.95 19.48
C GLU A 67 4.85 15.57 18.02
N ALA A 68 4.99 14.29 17.67
CA ALA A 68 5.22 13.83 16.29
C ALA A 68 3.92 13.86 15.45
N GLY A 69 2.76 14.06 16.06
CA GLY A 69 1.52 14.18 15.29
C GLY A 69 0.41 13.19 15.65
N ALA A 70 0.53 12.36 16.70
CA ALA A 70 -0.61 11.56 17.21
C ALA A 70 -1.70 12.52 17.73
N ASN A 71 -2.91 12.43 17.20
CA ASN A 71 -4.03 13.35 17.57
C ASN A 71 -5.00 12.68 18.56
N THR A 72 -4.99 11.36 18.63
CA THR A 72 -5.93 10.56 19.44
C THR A 72 -5.25 9.21 19.73
N PHE A 73 -5.40 8.68 20.95
CA PHE A 73 -4.90 7.36 21.33
C PHE A 73 -6.07 6.38 21.39
N ARG A 74 -5.85 5.20 20.83
CA ARG A 74 -6.80 4.06 20.84
C ARG A 74 -6.43 3.07 21.97
N PHE A 75 -7.38 2.83 22.86
CA PHE A 75 -7.29 1.83 23.97
C PHE A 75 -8.20 0.66 23.56
N ASN A 76 -7.59 -0.40 23.08
CA ASN A 76 -8.23 -1.60 22.54
C ASN A 76 -8.54 -2.52 23.72
N PHE A 77 -9.83 -2.65 24.06
CA PHE A 77 -10.28 -3.45 25.23
C PHE A 77 -10.27 -4.96 24.91
N SER A 78 -9.93 -5.36 23.70
CA SER A 78 -9.67 -6.78 23.33
C SER A 78 -8.38 -7.29 23.96
N HIS A 79 -7.52 -6.41 24.48
CA HIS A 79 -6.21 -6.73 25.11
C HIS A 79 -6.19 -6.15 26.52
N GLY A 80 -5.85 -6.96 27.52
CA GLY A 80 -5.61 -6.48 28.88
C GLY A 80 -6.90 -6.05 29.57
N ASP A 81 -6.85 -5.98 30.89
CA ASP A 81 -8.05 -5.87 31.74
C ASP A 81 -8.34 -4.40 32.02
N HIS A 82 -9.35 -4.11 32.82
CA HIS A 82 -9.73 -2.74 33.21
C HIS A 82 -8.58 -2.03 33.88
N GLN A 83 -7.88 -2.68 34.79
CA GLN A 83 -6.79 -1.99 35.53
C GLN A 83 -5.74 -1.52 34.53
N GLU A 84 -5.34 -2.37 33.59
CA GLU A 84 -4.29 -2.03 32.60
C GLU A 84 -4.76 -0.82 31.76
N GLN A 85 -6.02 -0.84 31.28
CA GLN A 85 -6.61 0.23 30.42
C GLN A 85 -6.68 1.53 31.22
N GLY A 86 -7.14 1.45 32.47
CA GLY A 86 -7.28 2.60 33.39
C GLY A 86 -5.96 3.26 33.69
N GLU A 87 -4.91 2.47 33.98
CA GLU A 87 -3.58 3.05 34.24
C GLU A 87 -3.03 3.67 32.94
N ARG A 88 -3.31 3.09 31.80
CA ARG A 88 -2.76 3.58 30.52
C ARG A 88 -3.42 4.93 30.20
N MET A 89 -4.71 5.06 30.46
CA MET A 89 -5.41 6.36 30.27
C MET A 89 -4.82 7.41 31.21
N ALA A 90 -4.49 7.04 32.46
CA ALA A 90 -3.84 7.95 33.42
C ALA A 90 -2.47 8.40 32.89
N THR A 91 -1.67 7.47 32.33
CA THR A 91 -0.34 7.76 31.75
C THR A 91 -0.48 8.77 30.60
N VAL A 92 -1.51 8.63 29.78
CA VAL A 92 -1.73 9.58 28.67
C VAL A 92 -2.08 10.97 29.22
N LYS A 93 -2.86 11.08 30.29
CA LYS A 93 -3.23 12.40 30.88
C LYS A 93 -1.95 13.11 31.33
N LEU A 94 -0.96 12.36 31.80
CA LEU A 94 0.36 12.92 32.23
C LEU A 94 1.14 13.34 30.98
N ALA A 95 1.10 12.52 29.92
CA ALA A 95 1.82 12.78 28.66
C ALA A 95 1.36 14.13 28.04
N GLU A 96 0.06 14.40 28.09
CA GLU A 96 -0.56 15.66 27.62
C GLU A 96 0.05 16.85 28.36
N LYS A 97 0.25 16.72 29.66
CA LYS A 97 0.82 17.82 30.50
C LYS A 97 2.29 17.99 30.10
N ILE A 98 3.01 16.90 29.84
CA ILE A 98 4.44 16.96 29.42
C ILE A 98 4.53 17.56 28.01
N ALA A 99 3.71 17.11 27.06
CA ALA A 99 3.76 17.61 25.67
C ALA A 99 3.24 19.05 25.59
N GLY A 100 2.42 19.48 26.55
CA GLY A 100 1.65 20.73 26.46
C GLY A 100 0.66 20.71 25.31
N LYS A 101 0.09 19.55 24.98
CA LYS A 101 -0.89 19.40 23.85
C LYS A 101 -1.89 18.32 24.25
N LYS A 102 -3.18 18.59 24.09
CA LYS A 102 -4.25 17.63 24.41
C LYS A 102 -4.42 16.64 23.25
N VAL A 103 -4.90 15.42 23.54
CA VAL A 103 -5.23 14.39 22.52
C VAL A 103 -6.61 13.85 22.83
N GLY A 104 -7.18 13.22 21.83
CA GLY A 104 -8.41 12.44 21.97
C GLY A 104 -8.16 11.08 22.65
N PHE A 105 -9.19 10.62 23.34
CA PHE A 105 -9.23 9.29 24.02
C PHE A 105 -10.33 8.43 23.36
N LEU A 106 -9.92 7.38 22.65
CA LEU A 106 -10.81 6.48 21.91
C LEU A 106 -10.75 5.08 22.57
N LEU A 107 -11.91 4.56 22.92
CA LEU A 107 -12.10 3.18 23.43
C LEU A 107 -12.57 2.31 22.27
N ASP A 108 -11.89 1.18 22.06
CA ASP A 108 -12.22 0.22 21.00
C ASP A 108 -12.77 -1.04 21.71
N THR A 109 -14.00 -1.40 21.41
CA THR A 109 -14.75 -2.50 22.08
C THR A 109 -14.33 -3.86 21.53
N LYS A 110 -14.59 -4.90 22.30
CA LYS A 110 -14.44 -6.27 21.81
C LYS A 110 -15.42 -6.55 20.68
N GLY A 111 -16.68 -6.30 20.92
CA GLY A 111 -17.76 -6.63 19.97
C GLY A 111 -18.00 -8.14 19.86
N PRO A 112 -18.85 -8.53 18.89
CA PRO A 112 -19.18 -9.93 18.61
C PRO A 112 -18.06 -10.71 17.89
N GLU A 113 -17.01 -11.01 18.64
CA GLU A 113 -15.73 -11.53 18.11
C GLU A 113 -15.31 -12.78 18.88
N ILE A 114 -14.38 -13.48 18.28
CA ILE A 114 -13.64 -14.62 18.86
C ILE A 114 -12.20 -14.20 19.08
N ARG A 115 -11.66 -14.55 20.23
CA ARG A 115 -10.27 -14.31 20.60
C ARG A 115 -9.68 -15.62 21.09
N THR A 116 -8.39 -15.86 20.88
CA THR A 116 -7.66 -16.95 21.55
C THR A 116 -7.60 -16.65 23.05
N GLU A 117 -7.57 -17.71 23.85
CA GLU A 117 -7.62 -17.62 25.32
C GLU A 117 -6.19 -17.35 25.83
N LEU A 118 -6.09 -17.04 27.12
CA LEU A 118 -4.81 -17.11 27.86
C LEU A 118 -4.29 -18.53 27.73
N PHE A 119 -2.99 -18.69 27.80
CA PHE A 119 -2.35 -20.04 27.84
C PHE A 119 -2.21 -20.52 29.29
N GLU A 120 -2.24 -21.84 29.51
CA GLU A 120 -1.83 -22.47 30.79
C GLU A 120 -0.40 -22.00 31.12
N GLY A 121 -0.17 -21.54 32.35
CA GLY A 121 1.18 -21.22 32.87
C GLY A 121 1.75 -19.93 32.29
N GLU A 122 0.86 -19.03 31.86
CA GLU A 122 1.12 -17.68 31.28
C GLU A 122 2.33 -17.66 30.31
N ALA A 123 2.60 -18.74 29.57
CA ALA A 123 3.24 -18.68 28.24
C ALA A 123 2.41 -17.67 27.44
N LYS A 124 3.03 -16.88 26.59
CA LYS A 124 2.32 -15.81 25.86
C LYS A 124 1.99 -16.33 24.46
N GLU A 125 2.75 -17.28 23.97
CA GLU A 125 2.56 -17.75 22.57
C GLU A 125 3.32 -19.04 22.34
N TYR A 126 3.01 -19.71 21.26
CA TYR A 126 3.84 -20.79 20.72
C TYR A 126 3.96 -20.59 19.20
N SER A 127 4.99 -21.20 18.62
CA SER A 127 5.28 -21.23 17.16
C SER A 127 4.94 -22.60 16.61
N TYR A 128 4.44 -22.61 15.39
CA TYR A 128 3.91 -23.82 14.71
C TYR A 128 4.46 -23.85 13.29
N LYS A 129 4.65 -25.04 12.76
CA LYS A 129 5.19 -25.34 11.42
C LYS A 129 4.05 -25.92 10.61
N THR A 130 4.09 -25.68 9.30
CA THR A 130 3.14 -26.17 8.29
C THR A 130 3.00 -27.69 8.51
N GLY A 131 1.78 -28.24 8.55
CA GLY A 131 1.56 -29.71 8.64
C GLY A 131 1.35 -30.21 10.07
N GLU A 132 1.69 -29.43 11.10
CA GLU A 132 1.40 -29.88 12.48
C GLU A 132 -0.11 -30.08 12.65
N LYS A 133 -0.46 -31.10 13.42
CA LYS A 133 -1.86 -31.42 13.76
C LYS A 133 -2.07 -30.93 15.19
N ILE A 134 -3.04 -30.07 15.42
CA ILE A 134 -3.38 -29.60 16.78
C ILE A 134 -4.89 -29.59 16.88
N ARG A 135 -5.39 -29.11 18.02
CA ARG A 135 -6.86 -29.04 18.24
C ARG A 135 -7.22 -27.63 18.59
N VAL A 136 -8.46 -27.26 18.29
CA VAL A 136 -9.09 -26.02 18.81
C VAL A 136 -10.29 -26.46 19.63
N ALA A 137 -10.36 -26.07 20.91
CA ALA A 137 -11.48 -26.37 21.83
C ALA A 137 -12.59 -25.36 21.62
N THR A 138 -13.83 -25.78 21.85
CA THR A 138 -15.01 -24.88 21.80
C THR A 138 -15.51 -24.58 23.22
N LYS A 139 -15.07 -25.36 24.19
CA LYS A 139 -15.56 -25.23 25.57
C LYS A 139 -15.10 -23.85 26.06
N GLN A 140 -16.02 -23.08 26.63
CA GLN A 140 -15.80 -21.71 27.16
C GLN A 140 -15.26 -21.74 28.58
N GLY A 141 -14.50 -20.71 28.94
CA GLY A 141 -14.04 -20.52 30.32
C GLY A 141 -12.78 -21.30 30.61
N ILE A 142 -12.06 -21.83 29.61
CA ILE A 142 -10.82 -22.59 29.87
C ILE A 142 -9.62 -21.91 29.23
N LYS A 143 -8.43 -22.43 29.49
CA LYS A 143 -7.15 -21.92 28.95
C LYS A 143 -6.64 -22.81 27.83
N SER A 144 -5.85 -22.21 26.93
CA SER A 144 -5.18 -22.89 25.81
C SER A 144 -3.96 -23.61 26.35
N THR A 145 -3.54 -24.64 25.64
CA THR A 145 -2.20 -25.27 25.72
C THR A 145 -1.61 -25.20 24.31
N ARG A 146 -0.35 -25.56 24.14
CA ARG A 146 0.25 -25.58 22.79
C ARG A 146 -0.58 -26.46 21.85
N GLU A 147 -1.02 -27.62 22.30
CA GLU A 147 -1.66 -28.62 21.38
C GLU A 147 -3.15 -28.38 21.30
N VAL A 148 -3.74 -27.65 22.27
CA VAL A 148 -5.22 -27.45 22.30
C VAL A 148 -5.52 -25.97 22.51
N ILE A 149 -5.84 -25.25 21.41
CA ILE A 149 -6.14 -23.80 21.47
C ILE A 149 -7.59 -23.61 21.90
N ALA A 150 -7.83 -22.84 22.97
CA ALA A 150 -9.18 -22.51 23.45
C ALA A 150 -9.58 -21.14 22.94
N LEU A 151 -10.87 -20.98 22.67
CA LEU A 151 -11.49 -19.74 22.14
C LEU A 151 -12.30 -19.08 23.25
N ASN A 152 -12.23 -17.75 23.28
CA ASN A 152 -13.13 -16.85 24.02
C ASN A 152 -14.11 -16.28 22.99
N VAL A 153 -15.32 -16.82 22.97
CA VAL A 153 -16.37 -16.46 22.00
C VAL A 153 -17.28 -15.49 22.72
N ALA A 154 -17.50 -14.32 22.18
CA ALA A 154 -18.34 -13.33 22.88
C ALA A 154 -19.70 -13.96 23.18
N GLY A 155 -20.28 -13.65 24.35
CA GLY A 155 -21.55 -14.24 24.80
C GLY A 155 -21.35 -15.66 25.32
N ALA A 156 -20.11 -16.14 25.42
CA ALA A 156 -19.73 -17.50 25.86
C ALA A 156 -20.50 -18.58 25.06
N LEU A 157 -20.68 -18.36 23.75
CA LEU A 157 -21.39 -19.27 22.83
C LEU A 157 -20.56 -20.53 22.64
N ASP A 158 -21.24 -21.64 22.42
CA ASP A 158 -20.65 -22.92 21.94
C ASP A 158 -20.68 -22.84 20.43
N ILE A 159 -19.54 -22.91 19.72
CA ILE A 159 -19.62 -22.80 18.24
C ILE A 159 -19.39 -24.16 17.56
N TYR A 160 -19.34 -25.25 18.31
CA TYR A 160 -18.96 -26.58 17.74
C TYR A 160 -19.88 -26.94 16.57
N ASP A 161 -21.19 -26.73 16.70
CA ASP A 161 -22.18 -27.16 15.65
C ASP A 161 -22.21 -26.12 14.51
N ASP A 162 -21.52 -24.99 14.63
CA ASP A 162 -21.56 -23.89 13.62
C ASP A 162 -20.42 -23.99 12.60
N VAL A 163 -19.44 -24.88 12.78
CA VAL A 163 -18.21 -24.91 11.95
C VAL A 163 -18.09 -26.31 11.35
N GLU A 164 -18.15 -26.44 10.03
CA GLU A 164 -18.07 -27.76 9.33
C GLU A 164 -16.60 -28.10 9.07
N VAL A 165 -16.31 -29.38 8.95
CA VAL A 165 -15.05 -29.91 8.33
C VAL A 165 -14.80 -29.12 7.05
N GLY A 166 -13.54 -28.79 6.77
CA GLY A 166 -13.14 -28.03 5.56
C GLY A 166 -13.09 -26.52 5.77
N ARG A 167 -13.72 -25.96 6.80
CA ARG A 167 -13.58 -24.52 7.13
C ARG A 167 -12.14 -24.22 7.58
N GLN A 168 -11.83 -22.94 7.58
CA GLN A 168 -10.51 -22.40 7.90
C GLN A 168 -10.71 -21.55 9.15
N VAL A 169 -9.86 -21.77 10.14
CA VAL A 169 -9.78 -20.94 11.37
C VAL A 169 -8.54 -20.07 11.17
N LEU A 170 -8.68 -18.75 11.19
CA LEU A 170 -7.53 -17.82 10.97
C LEU A 170 -7.27 -17.06 12.25
N VAL A 171 -6.00 -16.99 12.62
CA VAL A 171 -5.51 -16.28 13.83
C VAL A 171 -4.62 -15.10 13.47
N ASP A 172 -4.71 -14.03 14.25
CA ASP A 172 -3.85 -12.82 14.12
C ASP A 172 -4.02 -12.12 12.77
N ASP A 173 -5.23 -11.70 12.43
CA ASP A 173 -5.50 -10.98 11.17
C ASP A 173 -5.10 -11.84 9.97
N GLY A 174 -5.30 -13.14 10.05
CA GLY A 174 -5.09 -14.07 8.93
C GLY A 174 -3.63 -14.42 8.73
N LYS A 175 -2.76 -14.11 9.70
CA LYS A 175 -1.33 -14.50 9.61
C LYS A 175 -1.14 -16.03 9.71
N LEU A 176 -2.01 -16.72 10.48
CA LEU A 176 -1.91 -18.19 10.63
C LEU A 176 -3.24 -18.85 10.30
N GLY A 177 -3.18 -19.80 9.37
CA GLY A 177 -4.35 -20.59 8.98
C GLY A 177 -4.32 -21.98 9.60
N LEU A 178 -5.49 -22.42 10.06
CA LEU A 178 -5.79 -23.77 10.62
C LEU A 178 -6.94 -24.36 9.82
N ARG A 179 -6.72 -25.50 9.15
CA ARG A 179 -7.76 -26.18 8.33
C ARG A 179 -8.48 -27.16 9.26
N VAL A 180 -9.81 -27.11 9.34
CA VAL A 180 -10.60 -28.09 10.12
C VAL A 180 -10.66 -29.37 9.29
N VAL A 181 -9.96 -30.40 9.70
CA VAL A 181 -9.91 -31.69 8.94
C VAL A 181 -10.88 -32.72 9.54
N ALA A 182 -11.35 -32.55 10.77
CA ALA A 182 -12.22 -33.52 11.46
C ALA A 182 -12.74 -32.89 12.75
N LYS A 183 -13.84 -33.40 13.29
CA LYS A 183 -14.44 -32.90 14.55
C LYS A 183 -14.52 -34.07 15.53
N ASP A 184 -14.12 -33.85 16.78
CA ASP A 184 -14.11 -34.86 17.87
C ASP A 184 -15.33 -34.57 18.76
N ASP A 185 -16.40 -35.36 18.61
CA ASP A 185 -17.67 -35.20 19.37
C ASP A 185 -17.42 -35.37 20.87
N ALA A 186 -16.37 -36.10 21.24
CA ALA A 186 -16.11 -36.53 22.64
C ALA A 186 -15.61 -35.33 23.43
N THR A 187 -14.79 -34.47 22.81
CA THR A 187 -14.24 -33.27 23.50
C THR A 187 -14.84 -31.95 22.94
N ARG A 188 -15.64 -32.00 21.88
CA ARG A 188 -16.16 -30.83 21.11
C ARG A 188 -14.95 -30.02 20.64
N GLU A 189 -13.95 -30.72 20.09
CA GLU A 189 -12.71 -30.12 19.54
C GLU A 189 -12.68 -30.26 18.01
N PHE A 190 -12.22 -29.20 17.36
CA PHE A 190 -11.86 -29.22 15.93
C PHE A 190 -10.46 -29.82 15.89
N GLU A 191 -10.26 -30.80 15.02
CA GLU A 191 -8.93 -31.33 14.70
C GLU A 191 -8.44 -30.48 13.52
N VAL A 192 -7.30 -29.80 13.64
CA VAL A 192 -6.92 -28.85 12.55
C VAL A 192 -5.52 -29.16 12.10
N GLU A 193 -5.23 -28.77 10.86
CA GLU A 193 -3.86 -28.85 10.31
C GLU A 193 -3.35 -27.41 10.16
N VAL A 194 -2.14 -27.15 10.66
CA VAL A 194 -1.49 -25.83 10.51
C VAL A 194 -1.17 -25.63 9.02
N GLU A 195 -1.74 -24.62 8.36
CA GLU A 195 -1.55 -24.41 6.91
C GLU A 195 -0.21 -23.72 6.60
N ASN A 196 0.39 -23.01 7.55
CA ASN A 196 1.57 -22.15 7.25
C ASN A 196 2.30 -21.85 8.55
N ASP A 197 3.60 -21.59 8.49
CA ASP A 197 4.43 -21.34 9.69
C ASP A 197 3.93 -20.06 10.37
N GLY A 198 3.86 -20.04 11.69
CA GLY A 198 3.33 -18.85 12.38
C GLY A 198 3.16 -19.01 13.87
N ILE A 199 2.65 -17.97 14.50
CA ILE A 199 2.55 -17.86 15.96
C ILE A 199 1.07 -17.88 16.32
N ILE A 200 0.75 -18.59 17.40
CA ILE A 200 -0.54 -18.39 18.10
C ILE A 200 -0.21 -17.78 19.44
N ALA A 201 -0.65 -16.54 19.62
CA ALA A 201 -0.46 -15.80 20.87
C ALA A 201 -1.82 -15.64 21.55
N LYS A 202 -1.81 -15.31 22.84
CA LYS A 202 -3.00 -15.01 23.66
C LYS A 202 -3.76 -13.78 23.13
N GLN A 203 -5.08 -13.77 23.31
CA GLN A 203 -6.00 -12.64 23.04
C GLN A 203 -5.82 -12.14 21.59
N LYS A 204 -5.61 -13.07 20.65
CA LYS A 204 -5.52 -12.72 19.22
C LYS A 204 -6.88 -12.97 18.60
N GLY A 205 -7.28 -12.13 17.65
CA GLY A 205 -8.54 -12.22 16.90
C GLY A 205 -8.56 -13.50 16.09
N VAL A 206 -9.71 -14.17 16.07
CA VAL A 206 -9.89 -15.45 15.35
C VAL A 206 -11.01 -15.20 14.33
N ASN A 207 -10.81 -15.56 13.09
CA ASN A 207 -11.88 -15.42 12.08
C ASN A 207 -12.18 -16.80 11.52
N ILE A 208 -13.44 -17.10 11.32
CA ILE A 208 -13.88 -18.37 10.67
C ILE A 208 -14.81 -17.92 9.58
N PRO A 209 -14.28 -17.62 8.37
CA PRO A 209 -15.11 -17.18 7.26
C PRO A 209 -16.18 -18.20 6.87
N ASN A 210 -17.34 -17.69 6.43
CA ASN A 210 -18.43 -18.46 5.79
C ASN A 210 -19.14 -19.26 6.87
N THR A 211 -19.23 -18.70 8.08
CA THR A 211 -19.80 -19.34 9.27
C THR A 211 -20.83 -18.36 9.82
N LYS A 212 -21.96 -18.80 10.37
CA LYS A 212 -22.93 -17.86 10.95
C LYS A 212 -23.08 -18.20 12.43
N ILE A 213 -22.31 -17.52 13.26
CA ILE A 213 -22.42 -17.64 14.72
C ILE A 213 -23.42 -16.60 15.22
N PRO A 214 -24.39 -16.99 16.06
CA PRO A 214 -25.41 -16.05 16.54
C PRO A 214 -24.97 -15.18 17.72
N PHE A 215 -24.03 -14.27 17.53
CA PHE A 215 -23.56 -13.40 18.63
C PHE A 215 -24.72 -12.58 19.19
N PRO A 216 -24.76 -12.31 20.51
CA PRO A 216 -25.84 -11.50 21.08
C PRO A 216 -25.79 -10.05 20.58
N ALA A 217 -26.85 -9.29 20.85
CA ALA A 217 -27.05 -7.89 20.42
C ALA A 217 -25.97 -7.02 21.08
N LEU A 218 -25.69 -7.20 22.36
CA LEU A 218 -24.58 -6.49 23.04
C LEU A 218 -24.05 -7.36 24.17
N ALA A 219 -22.84 -7.86 24.02
CA ALA A 219 -22.21 -8.78 24.99
C ALA A 219 -22.12 -8.05 26.33
N GLU A 220 -22.22 -8.81 27.40
CA GLU A 220 -22.16 -8.24 28.78
C GLU A 220 -20.80 -7.58 28.98
N ARG A 221 -19.77 -8.16 28.39
CA ARG A 221 -18.37 -7.66 28.51
C ARG A 221 -18.25 -6.27 27.82
N ASP A 222 -18.96 -6.04 26.71
CA ASP A 222 -18.96 -4.72 25.99
C ASP A 222 -19.67 -3.68 26.88
N ASN A 223 -20.77 -4.09 27.49
CA ASN A 223 -21.51 -3.22 28.44
C ASN A 223 -20.55 -2.79 29.55
N ASP A 224 -19.83 -3.74 30.17
CA ASP A 224 -18.92 -3.41 31.31
C ASP A 224 -17.76 -2.54 30.81
N ASP A 225 -17.21 -2.85 29.63
CA ASP A 225 -16.04 -2.16 29.03
C ASP A 225 -16.43 -0.70 28.74
N ILE A 226 -17.57 -0.49 28.08
CA ILE A 226 -18.06 0.87 27.73
C ILE A 226 -18.34 1.66 29.01
N ARG A 227 -19.00 1.07 30.00
CA ARG A 227 -19.30 1.82 31.26
C ARG A 227 -18.00 2.13 31.99
N PHE A 228 -17.01 1.25 31.99
CA PHE A 228 -15.71 1.55 32.66
C PHE A 228 -14.95 2.70 31.95
N GLY A 229 -14.84 2.65 30.62
CA GLY A 229 -14.26 3.75 29.85
C GLY A 229 -14.96 5.08 30.08
N LEU A 230 -16.28 5.10 29.99
CA LEU A 230 -17.07 6.33 30.20
C LEU A 230 -16.80 6.93 31.58
N GLU A 231 -16.62 6.09 32.61
CA GLU A 231 -16.20 6.51 33.98
C GLU A 231 -14.80 7.14 33.96
N GLN A 232 -13.85 6.60 33.18
CA GLN A 232 -12.45 7.07 33.20
C GLN A 232 -12.38 8.42 32.49
N GLY A 233 -13.25 8.65 31.51
CA GLY A 233 -13.27 9.87 30.65
C GLY A 233 -12.72 9.60 29.27
N ILE A 234 -13.60 9.42 28.28
CA ILE A 234 -13.19 9.16 26.85
C ILE A 234 -13.95 10.15 25.97
N ASN A 235 -13.54 10.27 24.72
CA ASN A 235 -14.16 11.21 23.75
C ASN A 235 -14.83 10.43 22.63
N PHE A 236 -14.28 9.25 22.33
CA PHE A 236 -14.74 8.38 21.22
C PHE A 236 -14.87 6.92 21.68
N ILE A 237 -15.85 6.23 21.12
CA ILE A 237 -15.95 4.76 21.13
C ILE A 237 -15.97 4.23 19.69
N ALA A 238 -15.03 3.35 19.39
CA ALA A 238 -15.00 2.57 18.15
C ALA A 238 -15.67 1.21 18.44
N ILE A 239 -16.82 0.95 17.83
CA ILE A 239 -17.64 -0.26 18.08
C ILE A 239 -17.23 -1.33 17.10
N SER A 240 -16.65 -2.42 17.58
CA SER A 240 -16.15 -3.51 16.70
C SER A 240 -17.31 -4.26 16.09
N PHE A 241 -17.14 -4.69 14.84
CA PHE A 241 -18.06 -5.58 14.08
C PHE A 241 -19.49 -5.06 14.20
N VAL A 242 -19.67 -3.78 13.90
CA VAL A 242 -21.04 -3.22 13.78
C VAL A 242 -21.71 -3.94 12.62
N ARG A 243 -22.86 -4.54 12.89
CA ARG A 243 -23.65 -5.36 11.93
C ARG A 243 -24.85 -4.55 11.42
N THR A 244 -25.46 -3.76 12.30
CA THR A 244 -26.70 -2.98 12.04
C THR A 244 -26.64 -1.68 12.84
N ALA A 245 -27.56 -0.76 12.53
CA ALA A 245 -27.75 0.52 13.27
C ALA A 245 -28.00 0.20 14.75
N LYS A 246 -28.63 -0.93 15.04
CA LYS A 246 -28.96 -1.27 16.45
C LYS A 246 -27.66 -1.43 17.24
N ASP A 247 -26.57 -1.94 16.63
CA ASP A 247 -25.27 -2.09 17.36
C ASP A 247 -24.76 -0.70 17.78
N VAL A 248 -25.04 0.36 17.01
CA VAL A 248 -24.66 1.75 17.39
C VAL A 248 -25.63 2.29 18.44
N ASN A 249 -26.95 2.19 18.19
CA ASN A 249 -28.01 2.77 19.06
C ASN A 249 -27.89 2.19 20.48
N GLU A 250 -27.54 0.93 20.64
CA GLU A 250 -27.36 0.34 22.00
C GLU A 250 -26.23 1.01 22.76
N VAL A 251 -25.13 1.39 22.06
CA VAL A 251 -23.98 2.06 22.74
C VAL A 251 -24.41 3.52 23.03
N ARG A 252 -25.07 4.17 22.07
CA ARG A 252 -25.63 5.54 22.26
C ARG A 252 -26.51 5.60 23.53
N ALA A 253 -27.40 4.63 23.74
CA ALA A 253 -28.30 4.56 24.93
C ALA A 253 -27.46 4.57 26.21
N ILE A 254 -26.35 3.85 26.23
CA ILE A 254 -25.48 3.83 27.44
C ILE A 254 -24.84 5.22 27.63
N CYS A 255 -24.35 5.84 26.54
CA CYS A 255 -23.69 7.17 26.58
C CYS A 255 -24.69 8.22 27.12
N GLU A 256 -25.93 8.22 26.63
CA GLU A 256 -27.01 9.14 27.09
C GLU A 256 -27.40 8.86 28.56
N GLU A 257 -27.60 7.60 28.93
CA GLU A 257 -28.01 7.24 30.31
C GLU A 257 -26.95 7.71 31.32
N THR A 258 -25.66 7.60 31.03
CA THR A 258 -24.60 7.93 32.03
C THR A 258 -24.21 9.42 32.02
N GLY A 259 -24.92 10.27 31.28
CA GLY A 259 -24.57 11.70 31.15
C GLY A 259 -23.37 11.98 30.24
N ASN A 260 -23.11 11.15 29.23
CA ASN A 260 -21.93 11.28 28.33
C ASN A 260 -22.39 11.37 26.87
N GLY A 261 -23.46 12.12 26.58
CA GLY A 261 -23.98 12.32 25.21
C GLY A 261 -23.00 13.07 24.30
N HIS A 262 -21.95 13.71 24.83
CA HIS A 262 -20.83 14.31 24.04
C HIS A 262 -20.01 13.23 23.32
N VAL A 263 -20.00 12.00 23.85
CA VAL A 263 -19.09 10.94 23.33
C VAL A 263 -19.50 10.59 21.91
N GLN A 264 -18.53 10.50 21.02
CA GLN A 264 -18.82 10.20 19.59
C GLN A 264 -18.58 8.73 19.33
N LEU A 265 -19.46 8.13 18.53
CA LEU A 265 -19.42 6.68 18.18
C LEU A 265 -18.97 6.51 16.74
N PHE A 266 -17.84 5.82 16.54
CA PHE A 266 -17.37 5.29 15.24
C PHE A 266 -17.77 3.82 15.10
N ALA A 267 -18.57 3.50 14.09
CA ALA A 267 -18.87 2.12 13.75
C ALA A 267 -17.65 1.57 13.01
N LYS A 268 -17.14 0.43 13.48
CA LYS A 268 -16.11 -0.31 12.71
C LYS A 268 -16.86 -1.22 11.72
N ILE A 269 -16.56 -1.07 10.45
CA ILE A 269 -17.12 -1.92 9.38
C ILE A 269 -16.03 -2.95 9.11
N GLU A 270 -16.33 -4.20 9.42
CA GLU A 270 -15.32 -5.26 9.24
C GLU A 270 -15.98 -6.59 8.90
N ASN A 271 -17.22 -6.60 8.41
CA ASN A 271 -17.85 -7.85 7.90
C ASN A 271 -18.92 -7.45 6.88
N GLN A 272 -19.52 -8.47 6.27
CA GLN A 272 -20.41 -8.28 5.11
C GLN A 272 -21.69 -7.60 5.60
N GLN A 273 -22.12 -7.94 6.81
CA GLN A 273 -23.37 -7.40 7.35
C GLN A 273 -23.23 -5.88 7.55
N GLY A 274 -22.10 -5.41 8.09
CA GLY A 274 -21.80 -3.98 8.20
C GLY A 274 -21.79 -3.27 6.85
N ILE A 275 -21.23 -3.90 5.82
CA ILE A 275 -21.24 -3.32 4.45
C ILE A 275 -22.67 -3.31 3.91
N ASP A 276 -23.43 -4.40 4.07
CA ASP A 276 -24.85 -4.47 3.58
C ASP A 276 -25.67 -3.35 4.25
N ASN A 277 -25.38 -2.99 5.50
CA ASN A 277 -26.18 -2.02 6.31
C ASN A 277 -25.48 -0.66 6.41
N LEU A 278 -24.53 -0.36 5.51
CA LEU A 278 -23.63 0.81 5.69
C LEU A 278 -24.45 2.11 5.85
N ASP A 279 -25.46 2.31 5.00
CA ASP A 279 -26.26 3.55 4.94
C ASP A 279 -26.89 3.81 6.31
N GLU A 280 -27.47 2.80 6.95
CA GLU A 280 -28.21 2.99 8.22
C GLU A 280 -27.18 3.11 9.37
N ILE A 281 -26.01 2.51 9.22
CA ILE A 281 -24.92 2.58 10.22
C ILE A 281 -24.36 4.02 10.20
N ILE A 282 -24.15 4.58 9.01
CA ILE A 282 -23.61 5.97 8.90
C ILE A 282 -24.61 6.95 9.53
N GLU A 283 -25.91 6.78 9.30
CA GLU A 283 -26.93 7.73 9.87
C GLU A 283 -26.94 7.64 11.39
N ALA A 284 -26.78 6.45 11.96
CA ALA A 284 -26.76 6.25 13.43
C ALA A 284 -25.42 6.72 14.06
N ALA A 285 -24.30 6.61 13.36
CA ALA A 285 -22.95 6.86 13.96
C ALA A 285 -22.47 8.32 13.75
N ASP A 286 -21.39 8.70 14.42
CA ASP A 286 -20.69 9.99 14.25
C ASP A 286 -19.53 9.81 13.25
N GLY A 287 -19.30 8.57 12.81
CA GLY A 287 -18.15 8.26 11.98
C GLY A 287 -18.04 6.80 11.72
N ILE A 288 -17.14 6.46 10.81
CA ILE A 288 -16.82 5.07 10.44
C ILE A 288 -15.33 4.89 10.61
N MET A 289 -14.96 3.75 11.18
CA MET A 289 -13.58 3.23 11.12
C MET A 289 -13.58 2.08 10.10
N ILE A 290 -12.78 2.24 9.06
CA ILE A 290 -12.65 1.20 8.02
C ILE A 290 -11.64 0.21 8.55
N ALA A 291 -12.14 -0.86 9.16
CA ALA A 291 -11.33 -1.81 9.96
C ALA A 291 -10.86 -2.91 9.02
N ARG A 292 -9.85 -2.63 8.19
CA ARG A 292 -9.53 -3.48 7.02
C ARG A 292 -8.96 -4.85 7.41
N GLY A 293 -8.38 -4.99 8.59
CA GLY A 293 -7.81 -6.28 9.06
C GLY A 293 -8.85 -7.38 9.07
N ASP A 294 -9.87 -7.25 9.91
CA ASP A 294 -11.03 -8.18 9.91
C ASP A 294 -11.75 -8.12 8.55
N MET A 295 -11.89 -6.95 7.93
CA MET A 295 -12.74 -6.81 6.73
C MET A 295 -12.16 -7.67 5.62
N GLY A 296 -10.84 -7.65 5.46
CA GLY A 296 -10.18 -8.37 4.36
C GLY A 296 -10.13 -9.88 4.55
N ILE A 297 -10.60 -10.39 5.69
CA ILE A 297 -10.75 -11.85 5.92
C ILE A 297 -12.23 -12.20 5.82
N GLU A 298 -13.10 -11.32 6.30
CA GLU A 298 -14.55 -11.58 6.35
C GLU A 298 -15.19 -11.39 4.97
N VAL A 299 -14.60 -10.57 4.08
CA VAL A 299 -15.11 -10.34 2.69
C VAL A 299 -13.94 -10.57 1.76
N PRO A 300 -14.13 -10.78 0.45
CA PRO A 300 -13.00 -11.02 -0.45
C PRO A 300 -11.97 -9.88 -0.34
N PHE A 301 -10.70 -10.20 -0.16
CA PHE A 301 -9.66 -9.19 0.18
C PHE A 301 -9.61 -8.13 -0.94
N GLU A 302 -9.85 -8.56 -2.18
CA GLU A 302 -9.73 -7.69 -3.38
C GLU A 302 -10.88 -6.65 -3.41
N MET A 303 -11.92 -6.78 -2.56
CA MET A 303 -13.06 -5.82 -2.50
C MET A 303 -12.76 -4.71 -1.49
N VAL A 304 -11.78 -4.88 -0.61
CA VAL A 304 -11.55 -3.88 0.46
C VAL A 304 -11.19 -2.51 -0.13
N PRO A 305 -10.33 -2.36 -1.17
CA PRO A 305 -10.10 -1.02 -1.75
C PRO A 305 -11.37 -0.37 -2.34
N VAL A 306 -12.27 -1.16 -2.91
CA VAL A 306 -13.56 -0.66 -3.48
C VAL A 306 -14.39 -0.11 -2.32
N TYR A 307 -14.53 -0.90 -1.26
CA TYR A 307 -15.34 -0.48 -0.10
C TYR A 307 -14.66 0.71 0.56
N GLN A 308 -13.34 0.75 0.63
CA GLN A 308 -12.65 1.88 1.30
C GLN A 308 -13.03 3.21 0.61
N LYS A 309 -12.93 3.28 -0.70
CA LYS A 309 -13.18 4.53 -1.46
C LYS A 309 -14.65 4.93 -1.33
N MET A 310 -15.56 3.97 -1.36
CA MET A 310 -17.02 4.26 -1.31
C MET A 310 -17.39 4.70 0.10
N ILE A 311 -16.81 4.10 1.13
CA ILE A 311 -17.13 4.48 2.53
C ILE A 311 -16.64 5.92 2.75
N ILE A 312 -15.41 6.22 2.32
CA ILE A 312 -14.81 7.56 2.53
C ILE A 312 -15.72 8.61 1.91
N LYS A 313 -16.22 8.35 0.69
CA LYS A 313 -17.08 9.29 -0.06
C LYS A 313 -18.41 9.51 0.70
N LYS A 314 -19.03 8.43 1.18
CA LYS A 314 -20.37 8.52 1.82
C LYS A 314 -20.27 9.24 3.16
N VAL A 315 -19.27 8.92 3.96
CA VAL A 315 -19.13 9.51 5.32
C VAL A 315 -18.83 11.00 5.14
N ASN A 316 -17.95 11.38 4.22
CA ASN A 316 -17.64 12.81 3.99
C ASN A 316 -18.93 13.53 3.56
N ALA A 317 -19.78 12.92 2.73
CA ALA A 317 -21.02 13.52 2.20
C ALA A 317 -21.97 13.76 3.36
N ALA A 318 -21.85 12.96 4.44
CA ALA A 318 -22.72 13.04 5.63
C ALA A 318 -22.13 14.01 6.64
N GLY A 319 -20.98 14.61 6.36
CA GLY A 319 -20.30 15.56 7.27
C GLY A 319 -19.79 14.84 8.51
N LYS A 320 -19.40 13.58 8.36
CA LYS A 320 -18.95 12.78 9.52
C LYS A 320 -17.47 12.42 9.35
N VAL A 321 -16.89 11.73 10.33
CA VAL A 321 -15.43 11.42 10.35
C VAL A 321 -15.19 10.00 9.84
N VAL A 322 -14.20 9.82 8.96
CA VAL A 322 -13.75 8.48 8.52
C VAL A 322 -12.27 8.29 8.87
N ILE A 323 -11.97 7.13 9.44
CA ILE A 323 -10.63 6.67 9.89
C ILE A 323 -10.30 5.46 9.04
N THR A 324 -9.18 5.50 8.34
CA THR A 324 -8.66 4.33 7.61
C THR A 324 -7.65 3.60 8.51
N ALA A 325 -7.80 2.28 8.66
CA ALA A 325 -7.04 1.49 9.65
C ALA A 325 -6.48 0.22 9.07
N THR A 326 -5.34 -0.17 9.64
CA THR A 326 -4.76 -1.51 9.75
C THR A 326 -3.73 -1.75 8.66
N ASN A 327 -2.51 -2.09 9.05
CA ASN A 327 -1.40 -2.50 8.15
C ASN A 327 -0.83 -1.29 7.40
N MET A 328 -1.20 -0.06 7.78
CA MET A 328 -0.79 1.11 6.98
C MET A 328 0.74 1.21 6.90
N LEU A 329 1.46 0.93 8.00
CA LEU A 329 2.95 0.92 7.98
C LEU A 329 3.46 -0.39 8.58
N GLU A 330 2.86 -1.51 8.17
CA GLU A 330 2.98 -2.79 8.90
C GLU A 330 4.46 -3.18 9.12
N THR A 331 5.31 -3.02 8.11
CA THR A 331 6.74 -3.41 8.14
C THR A 331 7.43 -2.63 9.24
N MET A 332 6.94 -1.46 9.63
CA MET A 332 7.70 -0.68 10.64
C MET A 332 7.43 -1.24 12.04
N THR A 333 6.67 -2.30 12.17
CA THR A 333 6.57 -3.08 13.43
C THR A 333 7.98 -3.61 13.72
N GLU A 334 8.75 -4.02 12.71
CA GLU A 334 10.06 -4.72 12.90
C GLU A 334 11.22 -3.93 12.30
N LYS A 335 10.98 -3.06 11.33
CA LYS A 335 12.06 -2.45 10.52
C LYS A 335 11.90 -0.94 10.59
N PRO A 336 13.00 -0.19 10.42
CA PRO A 336 12.93 1.28 10.49
C PRO A 336 12.33 1.96 9.26
N ARG A 337 12.12 1.21 8.19
CA ARG A 337 11.57 1.83 6.97
C ARG A 337 10.37 1.04 6.46
N ALA A 338 9.33 1.76 6.06
CA ALA A 338 8.12 1.20 5.43
C ALA A 338 8.46 0.67 4.06
N THR A 339 7.68 -0.30 3.58
CA THR A 339 7.76 -0.70 2.17
C THR A 339 7.15 0.39 1.26
N ARG A 340 7.30 0.19 -0.04
CA ARG A 340 6.77 1.12 -1.07
C ARG A 340 5.25 0.96 -1.10
N SER A 341 4.73 -0.26 -0.91
CA SER A 341 3.27 -0.55 -0.86
C SER A 341 2.66 0.17 0.35
N GLU A 342 3.35 0.24 1.49
CA GLU A 342 2.80 0.90 2.69
C GLU A 342 2.72 2.41 2.48
N VAL A 343 3.79 3.03 1.99
CA VAL A 343 3.78 4.49 1.71
C VAL A 343 2.66 4.78 0.70
N SER A 344 2.51 3.98 -0.33
CA SER A 344 1.44 4.13 -1.34
C SER A 344 0.05 4.07 -0.66
N ASP A 345 -0.15 3.13 0.24
CA ASP A 345 -1.43 2.91 0.94
C ASP A 345 -1.78 4.15 1.76
N VAL A 346 -0.85 4.65 2.57
CA VAL A 346 -1.11 5.87 3.39
C VAL A 346 -1.40 7.04 2.42
N PHE A 347 -0.59 7.20 1.39
CA PHE A 347 -0.76 8.30 0.43
C PHE A 347 -2.16 8.24 -0.21
N ASN A 348 -2.56 7.07 -0.69
CA ASN A 348 -3.85 6.90 -1.41
C ASN A 348 -5.04 7.02 -0.47
N ALA A 349 -4.90 6.72 0.83
CA ALA A 349 -5.97 6.91 1.82
C ALA A 349 -6.23 8.41 1.96
N VAL A 350 -5.17 9.21 2.01
CA VAL A 350 -5.32 10.66 2.10
C VAL A 350 -6.04 11.17 0.83
N ILE A 351 -5.56 10.76 -0.33
CA ILE A 351 -6.11 11.22 -1.63
C ILE A 351 -7.60 10.79 -1.75
N ASP A 352 -7.94 9.58 -1.31
CA ASP A 352 -9.32 9.02 -1.29
C ASP A 352 -10.25 9.98 -0.52
N GLY A 353 -9.72 10.72 0.46
CA GLY A 353 -10.50 11.66 1.28
C GLY A 353 -10.56 11.34 2.77
N THR A 354 -9.70 10.47 3.31
CA THR A 354 -9.82 10.07 4.73
C THR A 354 -9.57 11.31 5.61
N ASP A 355 -10.30 11.38 6.71
CA ASP A 355 -10.09 12.35 7.79
C ASP A 355 -8.81 11.94 8.53
N ALA A 356 -8.63 10.64 8.75
CA ALA A 356 -7.62 10.14 9.71
C ALA A 356 -7.08 8.80 9.24
N THR A 357 -5.81 8.56 9.58
CA THR A 357 -5.10 7.29 9.32
C THR A 357 -4.73 6.72 10.69
N MET A 358 -4.64 5.40 10.82
CA MET A 358 -4.45 4.73 12.13
C MET A 358 -3.17 3.87 12.14
N LEU A 359 -2.55 3.81 13.31
CA LEU A 359 -1.49 2.81 13.55
C LEU A 359 -2.04 1.87 14.61
N SER A 360 -1.74 0.59 14.48
CA SER A 360 -2.18 -0.50 15.40
C SER A 360 -0.91 -1.09 16.01
N GLY A 361 -0.41 -2.22 15.48
CA GLY A 361 0.81 -2.87 16.00
C GLY A 361 2.03 -1.98 15.93
N GLU A 362 2.07 -1.08 14.93
CA GLU A 362 3.24 -0.21 14.69
C GLU A 362 3.49 0.62 15.95
N SER A 363 2.44 1.13 16.57
CA SER A 363 2.57 2.00 17.78
C SER A 363 2.41 1.17 19.08
N ALA A 364 1.63 0.09 19.07
CA ALA A 364 1.21 -0.65 20.29
C ALA A 364 2.24 -1.72 20.67
N ASN A 365 2.93 -2.29 19.68
CA ASN A 365 3.58 -3.60 19.74
C ASN A 365 4.93 -3.61 19.04
N GLY A 366 5.34 -2.55 18.36
CA GLY A 366 6.51 -2.63 17.47
C GLY A 366 7.76 -2.04 18.09
N LYS A 367 8.86 -2.14 17.38
CA LYS A 367 10.18 -1.61 17.80
C LYS A 367 10.33 -0.12 17.47
N TYR A 368 9.44 0.47 16.66
CA TYR A 368 9.65 1.83 16.18
C TYR A 368 8.36 2.63 16.30
N PRO A 369 7.75 2.74 17.49
CA PRO A 369 6.47 3.45 17.61
C PRO A 369 6.58 4.95 17.27
N LEU A 370 7.64 5.64 17.71
CA LEU A 370 7.82 7.09 17.45
C LEU A 370 8.06 7.30 15.94
N GLU A 371 8.87 6.46 15.34
CA GLU A 371 9.29 6.59 13.93
C GLU A 371 8.06 6.31 13.06
N SER A 372 7.18 5.40 13.48
CA SER A 372 5.92 5.08 12.78
C SER A 372 5.01 6.31 12.71
N VAL A 373 4.78 6.99 13.83
CA VAL A 373 3.95 8.24 13.88
C VAL A 373 4.65 9.29 12.99
N THR A 374 5.97 9.48 13.12
CA THR A 374 6.76 10.45 12.33
C THR A 374 6.63 10.14 10.84
N THR A 375 6.82 8.89 10.44
CA THR A 375 6.68 8.47 9.03
C THR A 375 5.24 8.74 8.55
N MET A 376 4.24 8.35 9.31
CA MET A 376 2.86 8.55 8.87
C MET A 376 2.64 10.06 8.68
N ALA A 377 3.10 10.89 9.61
CA ALA A 377 2.89 12.34 9.57
C ALA A 377 3.51 12.90 8.27
N THR A 378 4.69 12.44 7.91
CA THR A 378 5.43 12.88 6.70
C THR A 378 4.65 12.50 5.46
N ILE A 379 4.15 11.27 5.36
CA ILE A 379 3.37 10.87 4.15
C ILE A 379 2.10 11.71 4.11
N ASP A 380 1.40 11.83 5.22
CA ASP A 380 0.10 12.54 5.28
C ASP A 380 0.30 14.02 4.84
N LYS A 381 1.33 14.69 5.36
CA LYS A 381 1.64 16.10 5.09
C LYS A 381 1.93 16.26 3.60
N ASN A 382 2.65 15.34 2.97
CA ASN A 382 2.94 15.45 1.53
C ASN A 382 1.65 15.23 0.72
N ALA A 383 0.87 14.21 1.06
CA ALA A 383 -0.33 13.85 0.28
C ALA A 383 -1.37 14.98 0.32
N GLN A 384 -1.46 15.77 1.39
CA GLN A 384 -2.49 16.84 1.50
C GLN A 384 -2.21 17.91 0.42
N ALA A 385 -0.97 18.06 -0.02
CA ALA A 385 -0.55 19.06 -1.02
C ALA A 385 -0.99 18.61 -2.42
N LEU A 386 -1.40 17.35 -2.57
CA LEU A 386 -1.81 16.82 -3.88
C LEU A 386 -3.34 16.75 -3.95
N LEU A 387 -4.05 17.20 -2.91
CA LEU A 387 -5.52 17.01 -2.89
C LEU A 387 -6.20 17.81 -4.02
N ASN A 388 -5.81 19.05 -4.33
CA ASN A 388 -6.39 19.78 -5.50
C ASN A 388 -6.14 19.02 -6.80
N GLU A 389 -4.95 18.48 -7.00
CA GLU A 389 -4.63 17.76 -8.25
C GLU A 389 -5.46 16.48 -8.33
N TYR A 390 -5.47 15.64 -7.30
CA TYR A 390 -5.82 14.19 -7.40
C TYR A 390 -6.98 13.80 -6.47
N GLY A 391 -7.34 14.68 -5.55
CA GLY A 391 -8.36 14.42 -4.52
C GLY A 391 -9.62 13.81 -5.11
N ARG A 392 -10.11 12.71 -4.54
CA ARG A 392 -11.36 12.05 -4.99
C ARG A 392 -12.60 12.81 -4.52
N LEU A 393 -12.59 13.46 -3.36
CA LEU A 393 -13.82 14.08 -2.80
C LEU A 393 -14.16 15.29 -3.69
N ASP A 394 -15.43 15.55 -3.89
CA ASP A 394 -15.93 16.63 -4.78
C ASP A 394 -16.95 17.45 -3.99
N SER A 395 -16.54 18.48 -3.29
CA SER A 395 -17.49 19.30 -2.51
C SER A 395 -18.50 20.06 -3.44
N ASP A 396 -18.19 20.31 -4.72
CA ASP A 396 -19.10 21.03 -5.67
C ASP A 396 -20.42 20.28 -5.80
N SER A 397 -20.41 18.96 -5.58
CA SER A 397 -21.61 18.09 -5.72
C SER A 397 -22.55 18.20 -4.52
N PHE A 398 -22.14 18.70 -3.36
CA PHE A 398 -23.00 18.64 -2.14
C PHE A 398 -24.17 19.62 -2.26
N GLU A 399 -25.34 19.21 -1.78
CA GLU A 399 -26.45 20.14 -1.44
C GLU A 399 -25.99 20.89 -0.19
N ARG A 400 -26.08 22.22 -0.18
CA ARG A 400 -25.81 23.04 1.04
C ARG A 400 -27.14 23.08 1.80
N ASN A 401 -27.27 22.29 2.87
CA ASN A 401 -28.59 21.98 3.50
C ASN A 401 -28.91 22.90 4.67
N SER A 402 -28.05 23.87 5.01
CA SER A 402 -28.29 24.79 6.14
C SER A 402 -27.46 26.04 5.95
N LYS A 403 -27.80 27.13 6.64
CA LYS A 403 -27.10 28.43 6.51
C LYS A 403 -25.66 28.30 7.00
N THR A 404 -25.37 27.44 7.99
CA THR A 404 -23.97 27.22 8.42
C THR A 404 -23.22 26.55 7.26
N GLU A 405 -23.85 25.63 6.54
CA GLU A 405 -23.16 24.89 5.46
C GLU A 405 -22.92 25.84 4.28
N VAL A 406 -23.85 26.76 4.03
CA VAL A 406 -23.66 27.82 3.02
C VAL A 406 -22.41 28.62 3.36
N MET A 407 -22.22 28.94 4.63
CA MET A 407 -21.02 29.70 5.05
C MET A 407 -19.78 28.83 4.84
N ALA A 408 -19.83 27.52 5.14
CA ALA A 408 -18.69 26.61 4.93
C ALA A 408 -18.31 26.53 3.45
N SER A 409 -19.29 26.49 2.55
CA SER A 409 -19.05 26.54 1.08
C SER A 409 -18.31 27.84 0.71
N ALA A 410 -18.80 28.96 1.23
CA ALA A 410 -18.23 30.29 0.93
C ALA A 410 -16.78 30.35 1.46
N VAL A 411 -16.51 29.75 2.63
CA VAL A 411 -15.12 29.66 3.16
C VAL A 411 -14.24 28.88 2.18
N LYS A 412 -14.70 27.72 1.74
CA LYS A 412 -13.95 26.87 0.79
C LYS A 412 -13.68 27.73 -0.47
N ASP A 413 -14.68 28.47 -0.95
CA ASP A 413 -14.54 29.31 -2.16
C ASP A 413 -13.44 30.38 -1.95
N ALA A 414 -13.38 31.01 -0.78
CA ALA A 414 -12.33 31.99 -0.43
C ALA A 414 -10.94 31.35 -0.46
N THR A 415 -10.78 30.13 0.07
CA THR A 415 -9.50 29.42 0.12
C THR A 415 -9.08 28.92 -1.28
N SER A 416 -10.01 28.81 -2.23
CA SER A 416 -9.77 28.45 -3.65
C SER A 416 -9.44 29.70 -4.45
N SER A 417 -9.90 30.88 -4.06
CA SER A 417 -9.70 32.14 -4.84
C SER A 417 -8.36 32.83 -4.54
N MET A 418 -7.81 32.64 -3.35
CA MET A 418 -6.53 33.27 -2.95
C MET A 418 -5.84 32.36 -1.92
N ASP A 419 -4.65 32.76 -1.51
CA ASP A 419 -3.78 31.99 -0.57
C ASP A 419 -4.22 32.35 0.85
N ILE A 420 -4.98 31.49 1.49
CA ILE A 420 -5.44 31.68 2.89
C ILE A 420 -4.59 30.75 3.74
N LYS A 421 -3.93 31.31 4.75
CA LYS A 421 -3.03 30.56 5.66
C LYS A 421 -3.88 29.78 6.65
N LEU A 422 -5.03 30.32 7.07
CA LEU A 422 -5.82 29.76 8.18
C LEU A 422 -7.28 30.21 8.11
N VAL A 423 -8.19 29.30 8.45
CA VAL A 423 -9.61 29.62 8.72
C VAL A 423 -9.76 29.52 10.22
N VAL A 424 -10.31 30.55 10.84
CA VAL A 424 -10.64 30.53 12.28
C VAL A 424 -12.16 30.51 12.40
N THR A 425 -12.71 29.57 13.17
CA THR A 425 -14.13 29.54 13.54
C THR A 425 -14.22 29.69 15.06
N LEU A 426 -15.10 30.57 15.54
CA LEU A 426 -15.50 30.64 16.97
C LEU A 426 -16.79 29.82 17.11
N THR A 427 -16.67 28.63 17.71
CA THR A 427 -17.68 27.53 17.59
C THR A 427 -18.01 27.01 19.01
N LYS A 428 -19.27 27.08 19.42
CA LYS A 428 -19.70 26.61 20.76
C LYS A 428 -19.74 25.07 20.81
N THR A 429 -20.23 24.40 19.78
CA THR A 429 -20.44 22.93 19.77
C THR A 429 -19.49 22.24 18.79
N GLY A 430 -18.84 23.01 17.92
CA GLY A 430 -17.96 22.42 16.88
C GLY A 430 -18.67 22.24 15.55
N HIS A 431 -19.98 22.50 15.47
CA HIS A 431 -20.79 22.29 14.25
C HIS A 431 -20.16 23.06 13.06
N THR A 432 -19.79 24.33 13.22
CA THR A 432 -19.27 25.16 12.11
C THR A 432 -17.95 24.56 11.63
N ALA A 433 -17.08 24.14 12.55
CA ALA A 433 -15.77 23.52 12.28
C ALA A 433 -15.96 22.19 11.53
N ARG A 434 -16.93 21.37 11.94
CA ARG A 434 -17.28 20.09 11.25
C ARG A 434 -17.73 20.39 9.82
N LEU A 435 -18.57 21.40 9.60
CA LEU A 435 -19.03 21.70 8.22
C LEU A 435 -17.89 22.33 7.40
N ILE A 436 -17.04 23.20 7.96
CA ILE A 436 -15.88 23.70 7.17
C ILE A 436 -14.96 22.53 6.81
N SER A 437 -14.68 21.63 7.76
CA SER A 437 -13.83 20.43 7.55
C SER A 437 -14.37 19.60 6.39
N LYS A 438 -15.68 19.34 6.40
CA LYS A 438 -16.38 18.54 5.37
C LYS A 438 -16.02 19.05 3.97
N TYR A 439 -15.90 20.36 3.80
CA TYR A 439 -15.63 21.00 2.48
C TYR A 439 -14.12 20.92 2.14
N ARG A 440 -13.24 20.47 3.04
CA ARG A 440 -11.79 20.29 2.75
C ARG A 440 -11.20 21.56 2.12
N PRO A 441 -11.26 22.72 2.80
CA PRO A 441 -10.61 23.92 2.30
C PRO A 441 -9.10 23.74 2.22
N ASN A 442 -8.47 24.49 1.32
CA ASN A 442 -7.01 24.59 1.17
C ASN A 442 -6.48 25.53 2.26
N ALA A 443 -6.64 25.10 3.51
CA ALA A 443 -6.12 25.81 4.68
C ALA A 443 -6.37 24.93 5.88
N ASP A 444 -5.60 25.20 6.92
CA ASP A 444 -5.81 24.70 8.31
C ASP A 444 -7.04 25.40 8.91
N ILE A 445 -7.72 24.75 9.85
CA ILE A 445 -8.94 25.28 10.52
C ILE A 445 -8.68 25.37 12.03
N LEU A 446 -8.55 26.58 12.55
CA LEU A 446 -8.44 26.82 14.00
C LEU A 446 -9.87 26.88 14.53
N ALA A 447 -10.23 25.91 15.37
CA ALA A 447 -11.56 25.88 16.00
C ALA A 447 -11.42 26.39 17.42
N LEU A 448 -11.88 27.61 17.66
CA LEU A 448 -11.89 28.21 19.00
C LEU A 448 -13.22 27.83 19.66
N THR A 449 -13.12 27.10 20.75
CA THR A 449 -14.28 26.55 21.47
C THR A 449 -14.07 26.78 22.97
N PHE A 450 -15.14 26.61 23.75
CA PHE A 450 -15.27 27.17 25.11
C PHE A 450 -15.34 26.05 26.15
N ASP A 451 -15.14 24.78 25.77
CA ASP A 451 -15.12 23.68 26.76
C ASP A 451 -14.23 22.55 26.22
N GLU A 452 -13.59 21.83 27.14
CA GLU A 452 -12.60 20.78 26.82
C GLU A 452 -13.26 19.64 26.07
N LEU A 453 -14.51 19.31 26.36
CA LEU A 453 -15.17 18.15 25.72
C LEU A 453 -15.41 18.45 24.23
N THR A 454 -15.83 19.65 23.90
CA THR A 454 -15.95 20.05 22.48
C THR A 454 -14.58 20.06 21.85
N GLU A 455 -13.59 20.61 22.56
CA GLU A 455 -12.20 20.70 22.08
C GLU A 455 -11.69 19.32 21.69
N ARG A 456 -11.75 18.32 22.59
CA ARG A 456 -11.20 16.98 22.26
C ARG A 456 -12.07 16.27 21.23
N GLY A 457 -13.40 16.52 21.21
CA GLY A 457 -14.32 15.91 20.25
C GLY A 457 -14.01 16.26 18.80
N LEU A 458 -13.20 17.31 18.55
CA LEU A 458 -12.88 17.79 17.17
C LEU A 458 -11.54 17.24 16.70
N MET A 459 -10.88 16.43 17.53
CA MET A 459 -9.48 16.10 17.25
C MET A 459 -9.30 15.13 16.07
N LEU A 460 -10.35 14.45 15.63
CA LEU A 460 -10.21 13.58 14.45
C LEU A 460 -10.84 14.16 13.17
N ASN A 461 -11.35 15.40 13.19
CA ASN A 461 -11.89 16.06 11.96
C ASN A 461 -10.72 16.59 11.11
N TRP A 462 -10.73 16.27 9.84
CA TRP A 462 -9.71 16.74 8.87
C TRP A 462 -9.47 18.24 9.05
N GLY A 463 -8.21 18.60 9.24
CA GLY A 463 -7.73 19.99 9.19
C GLY A 463 -7.98 20.77 10.45
N VAL A 464 -8.71 20.20 11.41
CA VAL A 464 -9.18 21.04 12.56
C VAL A 464 -8.11 21.05 13.66
N ILE A 465 -7.71 22.25 14.11
CA ILE A 465 -6.80 22.46 15.25
C ILE A 465 -7.69 23.06 16.33
N PRO A 466 -8.15 22.24 17.30
CA PRO A 466 -9.04 22.72 18.34
C PRO A 466 -8.23 23.55 19.37
N MET A 467 -8.83 24.57 19.96
CA MET A 467 -8.15 25.36 21.01
C MET A 467 -9.21 25.90 21.96
N LEU A 468 -8.96 25.76 23.26
CA LEU A 468 -9.88 26.21 24.31
C LEU A 468 -9.68 27.71 24.47
N THR A 469 -10.77 28.44 24.65
CA THR A 469 -10.72 29.89 24.95
C THR A 469 -11.95 30.28 25.76
N ASP A 470 -11.94 31.49 26.30
CA ASP A 470 -13.08 32.07 27.06
C ASP A 470 -14.21 32.31 26.06
N ALA A 471 -15.46 32.07 26.45
CA ALA A 471 -16.64 32.41 25.61
C ALA A 471 -16.61 33.93 25.44
N PRO A 472 -16.68 34.44 24.21
CA PRO A 472 -16.72 35.89 24.01
C PRO A 472 -17.94 36.49 24.72
N SER A 473 -17.77 37.67 25.31
CA SER A 473 -18.93 38.46 25.80
C SER A 473 -19.40 39.34 24.64
N SER A 474 -20.58 39.95 24.79
CA SER A 474 -21.24 40.84 23.80
C SER A 474 -20.40 42.09 23.51
N THR A 475 -19.50 42.49 24.41
CA THR A 475 -18.55 43.63 24.22
C THR A 475 -17.20 43.18 23.61
N ASP A 476 -16.95 41.90 23.41
CA ASP A 476 -15.64 41.45 22.86
C ASP A 476 -15.64 41.59 21.34
N ASP A 477 -14.51 41.89 20.73
CA ASP A 477 -14.32 41.82 19.26
C ASP A 477 -13.81 40.41 18.93
N MET A 478 -14.68 39.58 18.36
CA MET A 478 -14.35 38.16 18.07
C MET A 478 -13.28 38.05 16.98
N PHE A 479 -13.21 39.03 16.07
CA PHE A 479 -12.21 39.01 14.97
C PHE A 479 -10.83 39.34 15.55
N GLU A 480 -10.76 40.19 16.57
CA GLU A 480 -9.50 40.51 17.28
C GLU A 480 -9.00 39.27 18.07
N ILE A 481 -9.89 38.65 18.84
CA ILE A 481 -9.63 37.38 19.57
C ILE A 481 -9.11 36.33 18.59
N ALA A 482 -9.77 36.16 17.43
CA ALA A 482 -9.41 35.10 16.46
C ALA A 482 -7.95 35.30 16.07
N GLU A 483 -7.60 36.51 15.68
CA GLU A 483 -6.25 36.77 15.11
C GLU A 483 -5.25 36.57 16.26
N ARG A 484 -5.55 37.13 17.42
CA ARG A 484 -4.62 37.06 18.60
C ARG A 484 -4.37 35.58 18.97
N LYS A 485 -5.42 34.76 19.05
CA LYS A 485 -5.25 33.31 19.38
C LYS A 485 -4.41 32.64 18.29
N ALA A 486 -4.65 32.95 17.03
CA ALA A 486 -3.88 32.36 15.92
C ALA A 486 -2.41 32.77 16.01
N VAL A 487 -2.13 34.04 16.28
CA VAL A 487 -0.72 34.54 16.37
C VAL A 487 -0.08 33.90 17.62
N GLU A 488 -0.79 33.81 18.74
CA GLU A 488 -0.26 33.21 20.02
C GLU A 488 0.05 31.72 19.81
N ALA A 489 -0.78 31.01 19.05
CA ALA A 489 -0.57 29.59 18.69
C ALA A 489 0.59 29.41 17.71
N GLY A 490 1.13 30.50 17.16
CA GLY A 490 2.23 30.44 16.17
C GLY A 490 1.76 29.91 14.83
N LEU A 491 0.46 29.97 14.54
CA LEU A 491 -0.10 29.42 13.26
C LEU A 491 0.03 30.46 12.13
N VAL A 492 0.04 31.75 12.46
CA VAL A 492 0.14 32.82 11.42
C VAL A 492 1.08 33.88 11.95
N GLU A 493 1.60 34.74 11.06
CA GLU A 493 2.35 35.95 11.49
C GLU A 493 1.94 37.15 10.61
N SER A 494 2.47 38.31 10.98
CA SER A 494 2.25 39.61 10.29
C SER A 494 2.15 39.36 8.82
N GLY A 495 1.07 39.79 8.18
CA GLY A 495 0.97 39.81 6.71
C GLY A 495 0.28 38.57 6.12
N ASP A 496 0.06 37.51 6.91
CA ASP A 496 -0.73 36.34 6.42
C ASP A 496 -2.19 36.77 6.25
N ASP A 497 -2.89 36.15 5.30
CA ASP A 497 -4.35 36.37 5.12
C ASP A 497 -5.11 35.20 5.77
N ILE A 498 -6.08 35.54 6.61
CA ILE A 498 -6.94 34.54 7.31
C ILE A 498 -8.39 34.88 7.02
N VAL A 499 -9.20 33.85 7.05
CA VAL A 499 -10.68 33.94 6.99
C VAL A 499 -11.15 33.64 8.39
N ILE A 500 -12.04 34.47 8.94
CA ILE A 500 -12.63 34.25 10.28
C ILE A 500 -14.13 34.17 10.11
N VAL A 501 -14.78 33.19 10.75
CA VAL A 501 -16.25 33.07 10.76
C VAL A 501 -16.70 33.05 12.21
N ALA A 502 -17.88 33.60 12.46
CA ALA A 502 -18.46 33.78 13.79
C ALA A 502 -19.95 34.06 13.66
N GLY A 503 -20.71 33.80 14.72
CA GLY A 503 -22.10 34.26 14.89
C GLY A 503 -22.08 35.63 15.52
N VAL A 504 -22.33 36.68 14.73
CA VAL A 504 -22.25 38.09 15.23
C VAL A 504 -23.64 38.67 15.29
N PRO A 505 -24.01 39.39 16.39
CA PRO A 505 -23.19 39.50 17.62
C PRO A 505 -23.51 38.37 18.60
N VAL A 506 -22.63 38.14 19.58
CA VAL A 506 -22.88 37.16 20.67
C VAL A 506 -24.17 37.61 21.39
N GLY A 507 -25.07 36.68 21.70
CA GLY A 507 -26.34 36.98 22.38
C GLY A 507 -27.47 37.37 21.42
N GLU A 508 -27.22 37.41 20.11
CA GLU A 508 -28.30 37.69 19.13
C GLU A 508 -28.22 36.67 17.99
N ALA A 509 -27.04 36.49 17.38
CA ALA A 509 -26.83 35.48 16.30
C ALA A 509 -27.35 34.11 16.77
N VAL A 510 -28.05 33.44 15.88
CA VAL A 510 -28.51 32.02 16.00
C VAL A 510 -27.36 31.07 15.62
N ARG A 511 -26.52 31.48 14.69
CA ARG A 511 -25.54 30.60 14.04
C ARG A 511 -24.38 31.43 13.49
N THR A 512 -23.33 30.76 13.06
CA THR A 512 -22.27 31.39 12.25
C THR A 512 -22.96 32.12 11.09
N ASN A 513 -22.69 33.40 10.94
CA ASN A 513 -23.41 34.22 9.94
C ASN A 513 -22.46 35.23 9.28
N THR A 514 -21.20 35.27 9.67
CA THR A 514 -20.28 36.33 9.23
C THR A 514 -18.97 35.70 8.81
N MET A 515 -18.47 36.12 7.66
CA MET A 515 -17.12 35.78 7.18
C MET A 515 -16.32 37.08 7.02
N ARG A 516 -15.13 37.12 7.59
CA ARG A 516 -14.21 38.27 7.41
C ARG A 516 -12.89 37.76 6.83
N ILE A 517 -12.35 38.44 5.81
CA ILE A 517 -10.97 38.26 5.29
C ILE A 517 -10.09 39.34 5.91
N ARG A 518 -9.05 38.92 6.61
CA ARG A 518 -8.22 39.80 7.46
C ARG A 518 -6.76 39.52 7.17
N THR A 519 -5.98 40.58 7.07
CA THR A 519 -4.50 40.54 7.07
C THR A 519 -4.05 40.63 8.52
N VAL A 520 -3.25 39.66 8.94
CA VAL A 520 -2.74 39.66 10.33
C VAL A 520 -1.85 40.90 10.51
N ARG A 521 -2.13 41.71 11.54
CA ARG A 521 -1.29 42.87 11.97
C ARG A 521 0.00 42.32 12.58
N MET B 21 -13.80 -13.96 -17.55
CA MET B 21 -13.26 -12.58 -17.37
C MET B 21 -11.72 -12.62 -17.46
N ASN B 22 -11.14 -11.93 -18.44
CA ASN B 22 -9.68 -11.95 -18.72
C ASN B 22 -9.02 -10.79 -18.00
N LYS B 23 -7.81 -11.02 -17.54
CA LYS B 23 -7.00 -10.04 -16.78
C LYS B 23 -6.41 -9.09 -17.83
N ARG B 24 -6.70 -7.81 -17.72
CA ARG B 24 -6.20 -6.80 -18.67
C ARG B 24 -4.86 -6.24 -18.22
N VAL B 25 -4.64 -6.14 -16.92
CA VAL B 25 -3.33 -5.72 -16.39
C VAL B 25 -2.37 -6.90 -16.48
N LYS B 26 -1.18 -6.66 -17.02
CA LYS B 26 -0.20 -7.75 -17.26
C LYS B 26 0.66 -7.93 -16.00
N ILE B 27 1.13 -9.14 -15.78
CA ILE B 27 2.01 -9.44 -14.60
C ILE B 27 3.40 -9.80 -15.10
N VAL B 28 4.40 -9.12 -14.57
CA VAL B 28 5.84 -9.52 -14.67
C VAL B 28 6.20 -10.28 -13.39
N ALA B 29 6.61 -11.53 -13.51
CA ALA B 29 7.04 -12.39 -12.38
C ALA B 29 8.54 -12.64 -12.50
N THR B 30 9.33 -12.26 -11.50
CA THR B 30 10.78 -12.55 -11.46
C THR B 30 10.94 -14.03 -11.12
N LEU B 31 11.73 -14.75 -11.91
CA LEU B 31 12.10 -16.14 -11.62
C LEU B 31 13.37 -16.20 -10.79
N GLY B 32 13.49 -17.29 -10.07
CA GLY B 32 14.56 -17.53 -9.10
C GLY B 32 14.44 -18.94 -8.57
N PRO B 33 15.17 -19.23 -7.47
CA PRO B 33 15.14 -20.57 -6.91
C PRO B 33 13.80 -21.01 -6.31
N ALA B 34 12.92 -20.11 -5.90
CA ALA B 34 11.60 -20.44 -5.28
C ALA B 34 10.84 -21.48 -6.11
N VAL B 35 10.86 -21.41 -7.44
CA VAL B 35 10.10 -22.36 -8.32
C VAL B 35 11.01 -23.52 -8.77
N GLU B 36 12.28 -23.52 -8.40
CA GLU B 36 13.25 -24.52 -8.94
C GLU B 36 13.41 -25.69 -7.96
N ILE B 37 13.21 -26.90 -8.47
CA ILE B 37 13.39 -28.15 -7.68
C ILE B 37 14.76 -28.70 -8.02
N ARG B 38 15.56 -29.05 -7.00
CA ARG B 38 16.93 -29.60 -7.17
C ARG B 38 16.99 -30.98 -6.49
N GLY B 39 17.31 -32.04 -7.26
CA GLY B 39 17.29 -33.44 -6.76
C GLY B 39 16.09 -33.71 -5.87
N GLY B 40 14.89 -33.36 -6.32
CA GLY B 40 13.65 -33.57 -5.54
C GLY B 40 13.50 -32.69 -4.31
N LYS B 41 14.25 -31.59 -4.11
CA LYS B 41 14.03 -30.71 -2.92
C LYS B 41 13.66 -29.27 -3.33
N LYS B 42 12.90 -28.62 -2.45
CA LYS B 42 12.45 -27.22 -2.54
C LYS B 42 13.59 -26.28 -2.17
N PHE B 43 13.42 -25.00 -2.45
CA PHE B 43 14.41 -23.97 -2.08
C PHE B 43 14.45 -23.87 -0.56
N GLY B 44 15.66 -23.85 0.01
CA GLY B 44 15.90 -23.71 1.45
C GLY B 44 16.06 -25.02 2.21
N GLU B 45 15.59 -26.15 1.68
CA GLU B 45 15.78 -27.43 2.41
C GLU B 45 17.28 -27.65 2.41
N ASP B 46 17.89 -28.18 3.48
CA ASP B 46 19.37 -28.29 3.42
C ASP B 46 19.82 -29.24 2.31
N GLY B 47 20.94 -28.89 1.68
CA GLY B 47 21.54 -29.65 0.57
C GLY B 47 20.95 -29.29 -0.78
N TYR B 48 20.01 -28.34 -0.81
CA TYR B 48 19.31 -27.97 -2.06
C TYR B 48 20.34 -27.56 -3.12
N TRP B 49 21.30 -26.73 -2.75
CA TRP B 49 22.31 -26.24 -3.74
C TRP B 49 23.33 -27.35 -4.06
N GLY B 50 23.36 -28.43 -3.27
CA GLY B 50 24.15 -29.64 -3.52
C GLY B 50 23.66 -30.40 -4.74
N GLU B 51 22.34 -30.62 -4.82
CA GLU B 51 21.65 -31.36 -5.91
C GLU B 51 21.74 -30.60 -7.24
N LYS B 52 21.39 -31.26 -8.34
CA LYS B 52 21.32 -30.63 -9.69
C LYS B 52 19.86 -30.19 -9.93
N LEU B 53 19.69 -29.19 -10.78
CA LEU B 53 18.36 -28.69 -11.24
C LEU B 53 17.57 -29.85 -11.87
N ASP B 54 16.36 -30.15 -11.35
CA ASP B 54 15.33 -30.98 -12.03
C ASP B 54 14.57 -30.07 -13.03
N VAL B 55 14.96 -30.12 -14.30
CA VAL B 55 14.48 -29.18 -15.33
C VAL B 55 12.96 -29.35 -15.49
N GLU B 56 12.50 -30.60 -15.63
CA GLU B 56 11.06 -30.91 -15.86
C GLU B 56 10.22 -30.49 -14.65
N ALA B 57 10.61 -30.86 -13.43
CA ALA B 57 9.78 -30.51 -12.25
C ALA B 57 9.77 -28.97 -12.05
N SER B 58 10.86 -28.28 -12.40
CA SER B 58 10.98 -26.81 -12.32
C SER B 58 10.01 -26.21 -13.36
N ALA B 59 10.01 -26.76 -14.58
CA ALA B 59 9.17 -26.27 -15.70
C ALA B 59 7.70 -26.43 -15.35
N LYS B 60 7.29 -27.50 -14.64
CA LYS B 60 5.90 -27.69 -14.20
C LYS B 60 5.49 -26.60 -13.21
N ASN B 61 6.35 -26.24 -12.26
CA ASN B 61 6.06 -25.13 -11.30
C ASN B 61 5.89 -23.84 -12.11
N ILE B 62 6.76 -23.58 -13.09
CA ILE B 62 6.72 -22.30 -13.83
C ILE B 62 5.43 -22.27 -14.66
N ALA B 63 5.01 -23.41 -15.21
CA ALA B 63 3.80 -23.49 -16.01
C ALA B 63 2.60 -23.07 -15.16
N LYS B 64 2.59 -23.40 -13.87
CA LYS B 64 1.46 -23.02 -13.00
C LYS B 64 1.43 -21.49 -12.84
N LEU B 65 2.58 -20.81 -12.82
CA LEU B 65 2.63 -19.33 -12.73
C LEU B 65 2.01 -18.79 -14.03
N ILE B 66 2.35 -19.40 -15.17
CA ILE B 66 1.84 -18.92 -16.48
C ILE B 66 0.32 -19.05 -16.44
N GLU B 67 -0.20 -20.20 -16.00
CA GLU B 67 -1.65 -20.50 -16.00
C GLU B 67 -2.34 -19.51 -15.05
N ALA B 68 -1.68 -19.06 -13.98
CA ALA B 68 -2.30 -18.20 -12.96
C ALA B 68 -2.29 -16.74 -13.42
N GLY B 69 -1.57 -16.40 -14.50
CA GLY B 69 -1.63 -15.06 -15.13
C GLY B 69 -0.30 -14.32 -15.24
N ALA B 70 0.86 -14.93 -15.01
CA ALA B 70 2.17 -14.33 -15.37
C ALA B 70 2.24 -14.14 -16.88
N ASN B 71 2.56 -12.94 -17.33
CA ASN B 71 2.53 -12.63 -18.79
C ASN B 71 3.96 -12.56 -19.32
N THR B 72 4.90 -12.39 -18.40
CA THR B 72 6.32 -12.15 -18.78
C THR B 72 7.15 -12.57 -17.57
N PHE B 73 8.29 -13.23 -17.79
CA PHE B 73 9.26 -13.54 -16.73
C PHE B 73 10.46 -12.61 -16.83
N ARG B 74 10.85 -12.12 -15.65
CA ARG B 74 12.02 -11.26 -15.43
C ARG B 74 13.21 -12.13 -14.96
N PHE B 75 14.32 -12.00 -15.69
CA PHE B 75 15.62 -12.65 -15.38
C PHE B 75 16.50 -11.53 -14.84
N ASN B 76 16.66 -11.49 -13.54
CA ASN B 76 17.42 -10.43 -12.86
C ASN B 76 18.92 -10.76 -12.89
N PHE B 77 19.69 -10.12 -13.76
CA PHE B 77 21.15 -10.38 -13.90
C PHE B 77 21.95 -9.71 -12.79
N SER B 78 21.29 -9.10 -11.81
CA SER B 78 21.93 -8.73 -10.52
C SER B 78 22.35 -10.00 -9.76
N HIS B 79 21.66 -11.12 -9.98
CA HIS B 79 21.78 -12.34 -9.14
C HIS B 79 21.87 -13.56 -10.04
N GLY B 80 23.00 -14.26 -10.02
CA GLY B 80 23.20 -15.51 -10.78
C GLY B 80 23.98 -15.25 -12.05
N ASP B 81 24.95 -16.13 -12.32
CA ASP B 81 25.85 -16.09 -13.50
C ASP B 81 25.10 -16.52 -14.77
N HIS B 82 25.77 -16.42 -15.90
CA HIS B 82 25.22 -16.66 -17.26
C HIS B 82 24.67 -18.08 -17.38
N GLN B 83 25.34 -19.07 -16.79
CA GLN B 83 24.89 -20.47 -16.83
C GLN B 83 23.52 -20.60 -16.14
N GLU B 84 23.34 -20.03 -14.94
CA GLU B 84 22.08 -20.04 -14.16
C GLU B 84 20.96 -19.34 -14.96
N GLN B 85 21.22 -18.15 -15.50
CA GLN B 85 20.24 -17.36 -16.29
C GLN B 85 19.82 -18.14 -17.53
N GLY B 86 20.78 -18.73 -18.27
CA GLY B 86 20.56 -19.51 -19.51
C GLY B 86 19.72 -20.75 -19.30
N GLU B 87 19.94 -21.49 -18.20
CA GLU B 87 19.13 -22.69 -17.83
C GLU B 87 17.74 -22.26 -17.42
N ARG B 88 17.62 -21.12 -16.75
CA ARG B 88 16.28 -20.69 -16.27
C ARG B 88 15.44 -20.33 -17.51
N MET B 89 16.01 -19.60 -18.46
CA MET B 89 15.34 -19.22 -19.72
C MET B 89 14.92 -20.50 -20.46
N ALA B 90 15.81 -21.50 -20.55
CA ALA B 90 15.49 -22.76 -21.28
C ALA B 90 14.37 -23.49 -20.53
N THR B 91 14.33 -23.39 -19.20
CA THR B 91 13.27 -24.02 -18.38
C THR B 91 11.91 -23.37 -18.72
N VAL B 92 11.88 -22.07 -18.94
CA VAL B 92 10.60 -21.35 -19.24
C VAL B 92 10.08 -21.84 -20.59
N LYS B 93 10.97 -22.13 -21.55
CA LYS B 93 10.52 -22.61 -22.90
C LYS B 93 9.77 -23.94 -22.75
N LEU B 94 10.17 -24.82 -21.82
CA LEU B 94 9.39 -26.05 -21.53
C LEU B 94 8.07 -25.69 -20.86
N ALA B 95 8.09 -24.81 -19.86
CA ALA B 95 6.87 -24.38 -19.14
C ALA B 95 5.81 -23.88 -20.14
N GLU B 96 6.18 -23.12 -21.17
CA GLU B 96 5.21 -22.54 -22.17
C GLU B 96 4.46 -23.68 -22.88
N LYS B 97 5.18 -24.76 -23.26
CA LYS B 97 4.57 -25.94 -23.93
C LYS B 97 3.70 -26.73 -22.93
N ILE B 98 4.05 -26.79 -21.65
CA ILE B 98 3.16 -27.45 -20.63
C ILE B 98 1.93 -26.58 -20.42
N ALA B 99 2.08 -25.27 -20.36
CA ALA B 99 0.95 -24.35 -20.08
C ALA B 99 0.09 -24.18 -21.35
N GLY B 100 0.66 -24.42 -22.52
CA GLY B 100 0.00 -24.12 -23.82
C GLY B 100 -0.17 -22.62 -24.00
N LYS B 101 0.69 -21.79 -23.42
CA LYS B 101 0.60 -20.32 -23.47
C LYS B 101 2.02 -19.77 -23.52
N LYS B 102 2.31 -18.80 -24.39
CA LYS B 102 3.66 -18.17 -24.46
C LYS B 102 3.72 -17.02 -23.46
N VAL B 103 4.93 -16.61 -23.08
CA VAL B 103 5.19 -15.49 -22.16
C VAL B 103 6.29 -14.66 -22.77
N GLY B 104 6.39 -13.41 -22.33
CA GLY B 104 7.53 -12.56 -22.67
C GLY B 104 8.74 -12.96 -21.85
N PHE B 105 9.93 -12.64 -22.35
CA PHE B 105 11.22 -12.88 -21.66
C PHE B 105 11.88 -11.52 -21.46
N LEU B 106 12.04 -11.07 -20.21
CA LEU B 106 12.58 -9.74 -19.89
C LEU B 106 13.92 -9.91 -19.17
N LEU B 107 14.97 -9.31 -19.68
CA LEU B 107 16.28 -9.25 -18.99
C LEU B 107 16.35 -7.94 -18.22
N ASP B 108 16.70 -7.99 -16.95
CA ASP B 108 16.92 -6.80 -16.09
C ASP B 108 18.42 -6.72 -15.80
N THR B 109 19.05 -5.60 -16.13
CA THR B 109 20.52 -5.41 -16.09
C THR B 109 20.93 -5.20 -14.65
N LYS B 110 22.17 -5.55 -14.32
CA LYS B 110 22.75 -5.23 -12.99
C LYS B 110 22.83 -3.71 -12.83
N GLY B 111 23.45 -3.05 -13.79
CA GLY B 111 23.62 -1.59 -13.78
C GLY B 111 24.63 -1.15 -12.72
N PRO B 112 24.71 0.15 -12.42
CA PRO B 112 25.64 0.68 -11.41
C PRO B 112 25.31 0.39 -9.93
N GLU B 113 25.28 -0.88 -9.55
CA GLU B 113 25.10 -1.32 -8.14
C GLU B 113 26.39 -1.10 -7.33
N ILE B 114 26.19 -0.71 -6.07
CA ILE B 114 27.20 -0.72 -4.98
C ILE B 114 26.69 -1.72 -3.95
N ARG B 115 27.56 -2.62 -3.50
CA ARG B 115 27.27 -3.71 -2.52
C ARG B 115 28.31 -3.63 -1.41
N THR B 116 28.00 -4.08 -0.19
CA THR B 116 29.00 -4.26 0.91
C THR B 116 29.89 -5.43 0.51
N GLU B 117 31.17 -5.37 0.86
CA GLU B 117 32.09 -6.46 0.48
C GLU B 117 31.91 -7.59 1.50
N LEU B 118 32.38 -8.78 1.10
CA LEU B 118 32.65 -9.96 1.97
C LEU B 118 33.41 -9.50 3.22
N PHE B 119 33.32 -10.27 4.31
CA PHE B 119 33.95 -9.94 5.61
C PHE B 119 35.19 -10.83 5.80
N GLU B 120 36.17 -10.35 6.58
CA GLU B 120 37.38 -11.12 6.98
C GLU B 120 37.00 -11.99 8.20
N GLY B 121 37.35 -13.28 8.17
CA GLY B 121 36.97 -14.30 9.16
C GLY B 121 35.80 -15.16 8.69
N GLU B 122 35.19 -14.80 7.54
CA GLU B 122 33.95 -15.40 6.99
C GLU B 122 32.75 -15.13 7.93
N ALA B 123 32.93 -14.22 8.91
CA ALA B 123 31.87 -13.65 9.79
C ALA B 123 30.93 -12.75 8.96
N LYS B 124 29.72 -13.24 8.66
CA LYS B 124 28.83 -12.77 7.55
C LYS B 124 28.15 -11.43 7.86
N GLU B 125 28.16 -10.93 9.10
CA GLU B 125 27.56 -9.62 9.46
C GLU B 125 28.10 -9.15 10.81
N TYR B 126 27.84 -7.89 11.15
CA TYR B 126 28.07 -7.31 12.50
C TYR B 126 26.86 -6.42 12.82
N SER B 127 26.49 -6.31 14.10
CA SER B 127 25.42 -5.40 14.58
C SER B 127 26.04 -4.18 15.24
N TYR B 128 25.39 -3.03 15.11
CA TYR B 128 25.91 -1.67 15.43
C TYR B 128 24.84 -0.96 16.24
N LYS B 129 25.23 0.09 16.96
CA LYS B 129 24.33 0.91 17.82
C LYS B 129 24.47 2.37 17.38
N THR B 130 23.37 3.12 17.46
CA THR B 130 23.31 4.60 17.24
C THR B 130 24.54 5.27 17.87
N GLY B 131 25.08 6.33 17.25
CA GLY B 131 26.19 7.18 17.73
C GLY B 131 27.58 6.63 17.40
N GLU B 132 27.74 5.31 17.30
CA GLU B 132 29.02 4.53 17.19
C GLU B 132 29.75 4.90 15.89
N LYS B 133 30.95 5.49 15.98
CA LYS B 133 31.79 5.98 14.84
C LYS B 133 32.52 4.81 14.15
N ILE B 134 32.36 4.63 12.82
CA ILE B 134 33.17 3.66 12.01
C ILE B 134 33.64 4.33 10.71
N ARG B 135 34.16 3.52 9.80
CA ARG B 135 34.76 4.01 8.53
C ARG B 135 34.24 3.18 7.34
N VAL B 136 34.10 3.87 6.21
CA VAL B 136 33.78 3.23 4.90
C VAL B 136 34.99 3.44 3.96
N ALA B 137 35.63 2.35 3.54
CA ALA B 137 36.75 2.30 2.58
C ALA B 137 36.20 2.42 1.14
N THR B 138 36.82 3.28 0.34
CA THR B 138 36.52 3.47 -1.10
C THR B 138 37.38 2.52 -1.94
N LYS B 139 38.45 1.95 -1.35
CA LYS B 139 39.48 1.17 -2.10
C LYS B 139 38.86 -0.18 -2.47
N GLN B 140 39.06 -0.62 -3.71
CA GLN B 140 38.31 -1.77 -4.32
C GLN B 140 39.13 -3.03 -4.14
N GLY B 141 38.50 -4.19 -4.32
CA GLY B 141 39.14 -5.52 -4.25
C GLY B 141 39.54 -5.96 -2.83
N ILE B 142 39.32 -5.17 -1.76
CA ILE B 142 39.63 -5.59 -0.36
C ILE B 142 38.39 -6.25 0.28
N LYS B 143 38.53 -6.72 1.53
CA LYS B 143 37.47 -7.32 2.39
C LYS B 143 37.05 -6.30 3.46
N SER B 144 35.82 -6.41 3.95
CA SER B 144 35.26 -5.56 5.04
C SER B 144 35.82 -6.02 6.39
N THR B 145 36.05 -5.08 7.31
CA THR B 145 36.16 -5.31 8.77
C THR B 145 34.95 -4.65 9.44
N ARG B 146 34.59 -5.05 10.67
CA ARG B 146 33.51 -4.44 11.49
C ARG B 146 33.78 -2.94 11.64
N GLU B 147 35.04 -2.51 11.67
CA GLU B 147 35.43 -1.10 11.97
C GLU B 147 35.47 -0.29 10.67
N VAL B 148 35.70 -1.00 9.55
CA VAL B 148 35.96 -0.39 8.21
C VAL B 148 35.20 -1.19 7.16
N ILE B 149 34.01 -0.70 6.79
CA ILE B 149 33.16 -1.35 5.74
C ILE B 149 33.77 -1.05 4.37
N ALA B 150 34.00 -2.09 3.56
CA ALA B 150 34.48 -1.96 2.17
C ALA B 150 33.28 -2.16 1.23
N LEU B 151 33.31 -1.47 0.09
CA LEU B 151 32.27 -1.48 -0.97
C LEU B 151 32.82 -2.16 -2.22
N ASN B 152 31.98 -3.03 -2.81
CA ASN B 152 32.09 -3.49 -4.20
C ASN B 152 31.29 -2.50 -5.08
N VAL B 153 31.98 -1.53 -5.69
CA VAL B 153 31.39 -0.54 -6.65
C VAL B 153 31.42 -1.17 -8.05
N ALA B 154 30.35 -1.04 -8.82
CA ALA B 154 30.25 -1.52 -10.22
C ALA B 154 31.42 -0.96 -11.03
N GLY B 155 32.14 -1.84 -11.75
CA GLY B 155 33.29 -1.47 -12.59
C GLY B 155 34.51 -1.07 -11.78
N ALA B 156 34.51 -1.37 -10.47
CA ALA B 156 35.60 -1.03 -9.53
C ALA B 156 35.94 0.46 -9.57
N LEU B 157 34.97 1.36 -9.66
CA LEU B 157 35.25 2.82 -9.61
C LEU B 157 35.65 3.25 -8.19
N ASP B 158 36.39 4.34 -8.12
CA ASP B 158 36.83 5.06 -6.90
C ASP B 158 35.82 6.17 -6.65
N ILE B 159 35.07 6.12 -5.54
CA ILE B 159 33.92 7.05 -5.32
C ILE B 159 34.30 8.14 -4.30
N TYR B 160 35.54 8.18 -3.82
CA TYR B 160 35.98 9.11 -2.73
C TYR B 160 35.67 10.58 -3.04
N ASP B 161 36.08 11.09 -4.20
CA ASP B 161 35.94 12.54 -4.57
C ASP B 161 34.47 12.91 -4.85
N ASP B 162 33.55 11.93 -4.93
CA ASP B 162 32.14 12.15 -5.38
C ASP B 162 31.18 12.35 -4.21
N VAL B 163 31.63 12.01 -3.00
CA VAL B 163 30.79 11.93 -1.77
C VAL B 163 31.32 12.96 -0.75
N GLU B 164 30.60 14.06 -0.55
CA GLU B 164 31.00 15.18 0.37
C GLU B 164 30.67 14.78 1.81
N VAL B 165 31.09 15.60 2.79
CA VAL B 165 30.72 15.44 4.22
C VAL B 165 29.23 15.76 4.37
N GLY B 166 28.48 15.04 5.22
CA GLY B 166 27.02 15.24 5.41
C GLY B 166 26.13 14.57 4.35
N ARG B 167 26.67 13.73 3.46
CA ARG B 167 25.89 12.70 2.74
C ARG B 167 25.68 11.50 3.67
N GLN B 168 24.89 10.53 3.21
CA GLN B 168 24.46 9.34 3.96
C GLN B 168 24.80 8.12 3.13
N VAL B 169 25.36 7.09 3.75
CA VAL B 169 25.59 5.78 3.10
C VAL B 169 24.55 4.84 3.69
N LEU B 170 23.67 4.30 2.86
CA LEU B 170 22.50 3.52 3.34
C LEU B 170 22.74 2.07 2.92
N VAL B 171 22.64 1.17 3.88
CA VAL B 171 22.89 -0.29 3.64
C VAL B 171 21.60 -1.11 3.76
N ASP B 172 21.38 -2.00 2.79
CA ASP B 172 20.24 -2.95 2.77
C ASP B 172 18.86 -2.29 2.81
N ASP B 173 18.42 -1.74 1.68
CA ASP B 173 17.06 -1.16 1.61
C ASP B 173 16.94 0.05 2.53
N GLY B 174 18.01 0.78 2.69
CA GLY B 174 17.98 2.05 3.46
C GLY B 174 17.73 1.84 4.96
N LYS B 175 17.90 0.58 5.42
CA LYS B 175 17.60 0.08 6.78
C LYS B 175 18.67 0.60 7.77
N LEU B 176 19.96 0.46 7.45
CA LEU B 176 21.04 1.05 8.29
C LEU B 176 21.60 2.34 7.67
N GLY B 177 21.50 3.46 8.42
CA GLY B 177 21.97 4.79 8.03
C GLY B 177 23.37 5.05 8.57
N LEU B 178 24.27 5.56 7.70
CA LEU B 178 25.66 6.00 8.01
C LEU B 178 25.78 7.44 7.54
N ARG B 179 26.01 8.38 8.47
CA ARG B 179 26.24 9.82 8.15
C ARG B 179 27.76 10.02 7.99
N VAL B 180 28.17 10.57 6.83
CA VAL B 180 29.58 10.93 6.53
C VAL B 180 29.86 12.25 7.26
N VAL B 181 30.69 12.18 8.30
CA VAL B 181 30.98 13.33 9.20
C VAL B 181 32.32 13.95 8.82
N ALA B 182 33.30 13.13 8.38
CA ALA B 182 34.63 13.59 7.87
C ALA B 182 35.20 12.57 6.87
N LYS B 183 36.13 13.04 6.04
CA LYS B 183 36.89 12.23 5.04
C LYS B 183 38.38 12.24 5.43
N ASP B 184 39.00 11.05 5.46
CA ASP B 184 40.45 10.81 5.66
C ASP B 184 41.14 10.74 4.27
N ASP B 185 41.60 11.88 3.73
CA ASP B 185 42.29 12.02 2.40
C ASP B 185 43.43 10.99 2.28
N ALA B 186 44.04 10.56 3.39
CA ALA B 186 45.29 9.75 3.45
C ALA B 186 45.01 8.27 3.22
N THR B 187 43.91 7.73 3.77
CA THR B 187 43.47 6.31 3.58
C THR B 187 42.30 6.23 2.57
N ARG B 188 41.77 7.37 2.11
CA ARG B 188 40.50 7.51 1.32
C ARG B 188 39.38 6.67 1.97
N GLU B 189 39.10 6.99 3.24
CA GLU B 189 37.98 6.43 4.04
C GLU B 189 37.01 7.56 4.40
N PHE B 190 35.71 7.26 4.41
CA PHE B 190 34.67 8.14 5.02
C PHE B 190 34.67 7.84 6.53
N GLU B 191 34.62 8.89 7.36
CA GLU B 191 34.41 8.76 8.83
C GLU B 191 32.90 8.88 9.05
N VAL B 192 32.26 7.77 9.46
CA VAL B 192 30.77 7.67 9.48
C VAL B 192 30.30 7.42 10.92
N GLU B 193 29.14 8.01 11.23
CA GLU B 193 28.35 7.86 12.48
C GLU B 193 27.12 6.98 12.20
N VAL B 194 27.05 5.76 12.73
CA VAL B 194 25.81 4.93 12.70
C VAL B 194 24.65 5.79 13.24
N GLU B 195 23.53 5.90 12.50
CA GLU B 195 22.36 6.78 12.84
C GLU B 195 21.24 5.98 13.55
N ASN B 196 21.29 4.64 13.57
CA ASN B 196 20.19 3.78 14.07
C ASN B 196 20.70 2.34 14.17
N ASP B 197 20.26 1.57 15.16
CA ASP B 197 20.74 0.17 15.39
C ASP B 197 20.48 -0.58 14.08
N GLY B 198 21.26 -1.58 13.77
CA GLY B 198 21.08 -2.37 12.54
C GLY B 198 22.28 -3.22 12.21
N ILE B 199 22.08 -4.18 11.29
CA ILE B 199 23.11 -5.11 10.76
C ILE B 199 23.72 -4.54 9.47
N ILE B 200 25.02 -4.74 9.27
CA ILE B 200 25.68 -4.70 7.93
C ILE B 200 26.09 -6.14 7.58
N ALA B 201 25.36 -6.78 6.67
CA ALA B 201 25.69 -8.14 6.18
C ALA B 201 26.56 -7.99 4.92
N LYS B 202 27.26 -9.05 4.56
CA LYS B 202 28.10 -9.14 3.35
C LYS B 202 27.18 -8.93 2.15
N GLN B 203 27.68 -8.34 1.06
CA GLN B 203 27.01 -8.33 -0.27
C GLN B 203 25.60 -7.72 -0.26
N LYS B 204 25.27 -6.79 0.65
CA LYS B 204 23.97 -6.06 0.65
C LYS B 204 24.07 -4.78 -0.22
N GLY B 205 22.96 -4.42 -0.88
CA GLY B 205 22.76 -3.16 -1.60
C GLY B 205 23.11 -1.93 -0.75
N VAL B 206 23.85 -1.00 -1.37
CA VAL B 206 24.23 0.31 -0.77
C VAL B 206 23.72 1.40 -1.71
N ASN B 207 23.14 2.43 -1.10
CA ASN B 207 22.73 3.64 -1.82
C ASN B 207 23.42 4.81 -1.15
N ILE B 208 23.83 5.80 -1.92
CA ILE B 208 24.35 7.09 -1.42
C ILE B 208 23.61 8.20 -2.15
N PRO B 209 22.43 8.62 -1.64
CA PRO B 209 21.65 9.64 -2.34
C PRO B 209 22.39 10.98 -2.52
N ASN B 210 22.02 11.72 -3.57
CA ASN B 210 22.42 13.13 -3.84
C ASN B 210 23.92 13.21 -4.13
N THR B 211 24.44 12.22 -4.88
CA THR B 211 25.86 12.15 -5.36
C THR B 211 25.82 11.81 -6.84
N LYS B 212 26.89 12.04 -7.59
CA LYS B 212 26.88 11.83 -9.06
C LYS B 212 28.17 11.12 -9.49
N ILE B 213 28.44 9.97 -8.88
CA ILE B 213 29.50 9.00 -9.31
C ILE B 213 29.44 8.85 -10.83
N PRO B 214 30.58 9.01 -11.55
CA PRO B 214 30.59 8.93 -13.02
C PRO B 214 30.57 7.51 -13.60
N PHE B 215 29.49 6.77 -13.34
CA PHE B 215 29.33 5.42 -13.91
C PHE B 215 29.16 5.60 -15.42
N PRO B 216 29.72 4.73 -16.26
CA PRO B 216 29.51 4.86 -17.71
C PRO B 216 28.02 4.74 -18.08
N ALA B 217 27.63 5.32 -19.23
CA ALA B 217 26.29 5.19 -19.85
C ALA B 217 25.93 3.70 -20.05
N LEU B 218 26.93 2.87 -20.35
CA LEU B 218 26.75 1.40 -20.44
C LEU B 218 28.07 0.72 -20.08
N ALA B 219 28.16 0.16 -18.87
CA ALA B 219 29.32 -0.60 -18.35
C ALA B 219 29.54 -1.85 -19.19
N GLU B 220 30.78 -2.31 -19.25
CA GLU B 220 31.21 -3.54 -19.97
C GLU B 220 30.39 -4.74 -19.47
N ARG B 221 30.26 -4.93 -18.16
CA ARG B 221 29.47 -6.03 -17.54
C ARG B 221 28.03 -6.07 -18.13
N ASP B 222 27.37 -4.92 -18.23
CA ASP B 222 25.97 -4.84 -18.70
C ASP B 222 25.97 -5.10 -20.21
N ASN B 223 26.97 -4.61 -20.92
CA ASN B 223 27.14 -4.87 -22.37
C ASN B 223 27.17 -6.39 -22.57
N ASP B 224 28.00 -7.07 -21.79
CA ASP B 224 28.15 -8.55 -21.84
C ASP B 224 26.84 -9.28 -21.46
N ASP B 225 26.17 -8.89 -20.38
CA ASP B 225 24.88 -9.49 -19.93
C ASP B 225 23.84 -9.37 -21.06
N ILE B 226 23.72 -8.17 -21.64
CA ILE B 226 22.72 -7.90 -22.74
C ILE B 226 23.03 -8.79 -23.94
N ARG B 227 24.30 -8.88 -24.36
CA ARG B 227 24.68 -9.69 -25.55
C ARG B 227 24.37 -11.16 -25.26
N PHE B 228 24.69 -11.64 -24.07
CA PHE B 228 24.29 -13.00 -23.64
C PHE B 228 22.76 -13.19 -23.74
N GLY B 229 21.98 -12.30 -23.12
CA GLY B 229 20.51 -12.39 -23.19
C GLY B 229 19.99 -12.41 -24.62
N LEU B 230 20.48 -11.52 -25.46
CA LEU B 230 20.07 -11.43 -26.88
C LEU B 230 20.36 -12.75 -27.58
N GLU B 231 21.46 -13.41 -27.23
CA GLU B 231 21.81 -14.70 -27.86
C GLU B 231 20.80 -15.76 -27.40
N GLN B 232 20.37 -15.77 -26.14
CA GLN B 232 19.40 -16.80 -25.67
C GLN B 232 18.02 -16.58 -26.33
N GLY B 233 17.67 -15.31 -26.61
CA GLY B 233 16.31 -14.97 -27.10
C GLY B 233 15.48 -14.27 -26.05
N ILE B 234 15.46 -12.93 -26.09
CA ILE B 234 14.63 -12.12 -25.17
C ILE B 234 13.76 -11.18 -26.00
N ASN B 235 12.72 -10.65 -25.35
CA ASN B 235 11.70 -9.75 -25.95
C ASN B 235 11.90 -8.35 -25.38
N PHE B 236 12.41 -8.23 -24.14
CA PHE B 236 12.46 -6.94 -23.40
C PHE B 236 13.77 -6.83 -22.63
N ILE B 237 14.29 -5.61 -22.50
CA ILE B 237 15.41 -5.32 -21.59
C ILE B 237 14.90 -4.20 -20.71
N ALA B 238 14.92 -4.42 -19.40
CA ALA B 238 14.79 -3.37 -18.37
C ALA B 238 16.20 -2.94 -17.95
N ILE B 239 16.52 -1.67 -18.20
CA ILE B 239 17.87 -1.09 -18.00
C ILE B 239 17.85 -0.40 -16.66
N SER B 240 18.65 -0.88 -15.70
CA SER B 240 18.71 -0.35 -14.32
C SER B 240 19.34 1.04 -14.29
N PHE B 241 18.86 1.90 -13.38
CA PHE B 241 19.35 3.27 -13.13
C PHE B 241 19.56 4.07 -14.44
N VAL B 242 18.56 4.12 -15.32
CA VAL B 242 18.61 5.04 -16.50
C VAL B 242 18.60 6.48 -16.00
N ARG B 243 19.64 7.24 -16.35
CA ARG B 243 19.84 8.66 -15.96
C ARG B 243 19.51 9.60 -17.12
N THR B 244 19.75 9.17 -18.38
CA THR B 244 19.56 10.01 -19.59
C THR B 244 19.13 9.13 -20.75
N ALA B 245 18.69 9.75 -21.84
CA ALA B 245 18.39 9.06 -23.11
C ALA B 245 19.61 8.26 -23.55
N LYS B 246 20.82 8.74 -23.26
CA LYS B 246 22.09 8.10 -23.74
C LYS B 246 22.19 6.66 -23.22
N ASP B 247 21.75 6.40 -21.98
CA ASP B 247 21.77 5.04 -21.37
C ASP B 247 20.81 4.10 -22.10
N VAL B 248 19.74 4.63 -22.72
CA VAL B 248 18.82 3.79 -23.53
C VAL B 248 19.42 3.59 -24.92
N ASN B 249 19.93 4.66 -25.52
CA ASN B 249 20.41 4.63 -26.93
C ASN B 249 21.59 3.67 -27.05
N GLU B 250 22.45 3.58 -26.03
CA GLU B 250 23.62 2.67 -26.13
C GLU B 250 23.14 1.21 -26.15
N VAL B 251 22.09 0.86 -25.42
CA VAL B 251 21.54 -0.52 -25.48
C VAL B 251 20.83 -0.69 -26.82
N ARG B 252 20.11 0.33 -27.29
CA ARG B 252 19.40 0.29 -28.62
C ARG B 252 20.42 -0.12 -29.70
N ALA B 253 21.59 0.48 -29.71
CA ALA B 253 22.64 0.28 -30.75
C ALA B 253 23.08 -1.18 -30.76
N ILE B 254 23.15 -1.81 -29.59
CA ILE B 254 23.52 -3.23 -29.51
C ILE B 254 22.40 -4.09 -30.08
N CYS B 255 21.15 -3.82 -29.72
CA CYS B 255 19.98 -4.60 -30.22
C CYS B 255 19.98 -4.54 -31.77
N GLU B 256 20.17 -3.34 -32.32
CA GLU B 256 20.22 -3.04 -33.77
C GLU B 256 21.38 -3.83 -34.41
N GLU B 257 22.61 -3.62 -33.91
CA GLU B 257 23.87 -4.25 -34.41
C GLU B 257 23.71 -5.78 -34.55
N THR B 258 23.01 -6.45 -33.63
CA THR B 258 23.02 -7.94 -33.52
C THR B 258 21.80 -8.55 -34.22
N GLY B 259 21.00 -7.73 -34.93
CA GLY B 259 19.76 -8.18 -35.60
C GLY B 259 18.59 -8.40 -34.64
N ASN B 260 18.50 -7.64 -33.54
CA ASN B 260 17.46 -7.81 -32.47
C ASN B 260 16.72 -6.47 -32.30
N GLY B 261 16.40 -5.81 -33.42
CA GLY B 261 15.73 -4.50 -33.43
C GLY B 261 14.33 -4.60 -32.86
N HIS B 262 13.70 -5.77 -32.91
CA HIS B 262 12.38 -6.13 -32.31
C HIS B 262 12.39 -6.04 -30.76
N VAL B 263 13.55 -6.06 -30.12
CA VAL B 263 13.65 -6.06 -28.62
C VAL B 263 13.24 -4.68 -28.11
N GLN B 264 12.39 -4.67 -27.09
CA GLN B 264 11.85 -3.43 -26.50
C GLN B 264 12.63 -3.08 -25.24
N LEU B 265 12.90 -1.79 -25.06
CA LEU B 265 13.70 -1.27 -23.94
C LEU B 265 12.77 -0.57 -22.96
N PHE B 266 12.78 -1.01 -21.70
CA PHE B 266 12.15 -0.30 -20.57
C PHE B 266 13.27 0.37 -19.80
N ALA B 267 13.18 1.68 -19.63
CA ALA B 267 14.10 2.40 -18.75
C ALA B 267 13.59 2.24 -17.32
N LYS B 268 14.44 1.82 -16.40
CA LYS B 268 14.11 1.83 -14.96
C LYS B 268 14.40 3.21 -14.42
N ILE B 269 13.38 3.86 -13.85
CA ILE B 269 13.54 5.19 -13.22
C ILE B 269 13.67 4.91 -11.71
N GLU B 270 14.86 5.17 -11.17
CA GLU B 270 15.14 4.78 -9.78
C GLU B 270 15.99 5.85 -9.11
N ASN B 271 16.17 7.04 -9.71
CA ASN B 271 16.93 8.11 -9.03
C ASN B 271 16.50 9.47 -9.55
N GLN B 272 17.07 10.52 -8.98
CA GLN B 272 16.63 11.88 -9.28
C GLN B 272 16.93 12.24 -10.74
N GLN B 273 18.06 11.83 -11.29
CA GLN B 273 18.42 12.23 -12.67
C GLN B 273 17.40 11.67 -13.64
N GLY B 274 17.03 10.39 -13.47
CA GLY B 274 16.01 9.69 -14.27
C GLY B 274 14.69 10.42 -14.22
N ILE B 275 14.27 10.86 -13.04
CA ILE B 275 13.03 11.67 -12.92
C ILE B 275 13.24 13.00 -13.67
N ASP B 276 14.36 13.69 -13.43
CA ASP B 276 14.66 15.00 -14.08
C ASP B 276 14.65 14.84 -15.60
N ASN B 277 15.13 13.73 -16.17
CA ASN B 277 15.26 13.52 -17.64
C ASN B 277 14.13 12.63 -18.18
N LEU B 278 13.01 12.55 -17.48
CA LEU B 278 11.95 11.56 -17.79
C LEU B 278 11.48 11.73 -19.23
N ASP B 279 11.22 12.97 -19.69
CA ASP B 279 10.63 13.20 -21.05
C ASP B 279 11.57 12.65 -22.14
N GLU B 280 12.88 12.91 -22.07
CA GLU B 280 13.82 12.45 -23.13
C GLU B 280 13.96 10.93 -22.99
N ILE B 281 13.87 10.39 -21.76
CA ILE B 281 13.97 8.92 -21.56
C ILE B 281 12.74 8.24 -22.18
N ILE B 282 11.55 8.76 -21.91
CA ILE B 282 10.33 8.14 -22.48
C ILE B 282 10.46 8.18 -24.01
N GLU B 283 10.92 9.30 -24.60
CA GLU B 283 11.02 9.39 -26.09
C GLU B 283 11.98 8.32 -26.65
N ALA B 284 13.10 8.05 -25.97
CA ALA B 284 14.08 7.06 -26.45
C ALA B 284 13.64 5.61 -26.16
N ALA B 285 12.86 5.35 -25.11
CA ALA B 285 12.54 3.97 -24.67
C ALA B 285 11.21 3.51 -25.25
N ASP B 286 10.89 2.22 -25.07
CA ASP B 286 9.60 1.64 -25.47
C ASP B 286 8.64 1.66 -24.27
N GLY B 287 9.14 2.00 -23.11
CA GLY B 287 8.39 1.83 -21.86
C GLY B 287 9.27 2.16 -20.67
N ILE B 288 8.61 2.29 -19.52
CA ILE B 288 9.23 2.69 -18.24
C ILE B 288 8.86 1.61 -17.23
N MET B 289 9.85 1.17 -16.45
CA MET B 289 9.61 0.36 -15.23
C MET B 289 9.80 1.30 -14.05
N ILE B 290 8.77 1.51 -13.24
CA ILE B 290 8.89 2.41 -12.05
C ILE B 290 9.52 1.54 -10.96
N ALA B 291 10.81 1.71 -10.73
CA ALA B 291 11.63 0.81 -9.89
C ALA B 291 11.60 1.39 -8.50
N ARG B 292 10.50 1.17 -7.79
CA ARG B 292 10.21 1.96 -6.57
C ARG B 292 11.21 1.64 -5.43
N GLY B 293 11.84 0.47 -5.46
CA GLY B 293 12.80 0.04 -4.42
C GLY B 293 13.90 1.07 -4.25
N ASP B 294 14.72 1.20 -5.27
CA ASP B 294 15.80 2.22 -5.30
C ASP B 294 15.18 3.61 -5.29
N MET B 295 14.09 3.84 -6.03
CA MET B 295 13.60 5.22 -6.14
C MET B 295 13.30 5.75 -4.74
N GLY B 296 12.69 4.92 -3.90
CA GLY B 296 12.26 5.37 -2.57
C GLY B 296 13.42 5.48 -1.60
N ILE B 297 14.66 5.15 -1.98
CA ILE B 297 15.85 5.40 -1.09
C ILE B 297 16.58 6.63 -1.64
N GLU B 298 16.63 6.72 -2.97
CA GLU B 298 17.34 7.80 -3.71
C GLU B 298 16.60 9.14 -3.64
N VAL B 299 15.27 9.16 -3.59
CA VAL B 299 14.47 10.40 -3.40
C VAL B 299 13.64 10.22 -2.14
N PRO B 300 13.06 11.30 -1.61
CA PRO B 300 12.24 11.17 -0.39
C PRO B 300 11.11 10.15 -0.62
N PHE B 301 10.96 9.20 0.32
CA PHE B 301 10.07 8.03 0.15
C PHE B 301 8.65 8.52 -0.09
N GLU B 302 8.25 9.64 0.53
CA GLU B 302 6.87 10.16 0.44
C GLU B 302 6.57 10.77 -0.94
N MET B 303 7.58 11.00 -1.77
CA MET B 303 7.37 11.54 -3.15
C MET B 303 7.13 10.40 -4.14
N VAL B 304 7.37 9.13 -3.78
CA VAL B 304 7.30 8.04 -4.78
C VAL B 304 5.89 7.96 -5.36
N PRO B 305 4.81 8.01 -4.55
CA PRO B 305 3.45 7.95 -5.12
C PRO B 305 3.13 9.12 -6.09
N VAL B 306 3.64 10.32 -5.82
CA VAL B 306 3.49 11.49 -6.74
C VAL B 306 4.14 11.12 -8.06
N TYR B 307 5.39 10.65 -8.03
CA TYR B 307 6.09 10.31 -9.29
C TYR B 307 5.46 9.11 -9.98
N GLN B 308 4.93 8.14 -9.22
CA GLN B 308 4.28 6.98 -9.85
C GLN B 308 3.08 7.46 -10.70
N LYS B 309 2.18 8.25 -10.16
CA LYS B 309 0.99 8.73 -10.89
C LYS B 309 1.41 9.52 -12.14
N MET B 310 2.40 10.37 -12.00
CA MET B 310 2.83 11.28 -13.10
C MET B 310 3.51 10.46 -14.21
N ILE B 311 4.34 9.48 -13.87
CA ILE B 311 5.02 8.60 -14.88
C ILE B 311 3.96 7.77 -15.62
N ILE B 312 3.01 7.17 -14.94
CA ILE B 312 1.99 6.35 -15.64
C ILE B 312 1.23 7.25 -16.65
N LYS B 313 0.84 8.45 -16.25
CA LYS B 313 0.05 9.33 -17.16
C LYS B 313 0.90 9.68 -18.40
N LYS B 314 2.17 9.99 -18.21
CA LYS B 314 3.06 10.43 -19.31
C LYS B 314 3.35 9.27 -20.25
N VAL B 315 3.58 8.08 -19.71
CA VAL B 315 3.94 6.92 -20.54
C VAL B 315 2.71 6.53 -21.39
N ASN B 316 1.53 6.50 -20.78
CA ASN B 316 0.26 6.21 -21.51
C ASN B 316 0.06 7.25 -22.63
N ALA B 317 0.23 8.53 -22.35
CA ALA B 317 0.09 9.62 -23.34
C ALA B 317 1.03 9.37 -24.54
N ALA B 318 2.21 8.79 -24.30
CA ALA B 318 3.19 8.46 -25.36
C ALA B 318 2.82 7.17 -26.09
N GLY B 319 1.76 6.45 -25.71
CA GLY B 319 1.42 5.16 -26.35
C GLY B 319 2.39 4.04 -25.98
N LYS B 320 3.12 4.19 -24.87
CA LYS B 320 4.15 3.19 -24.46
C LYS B 320 3.68 2.40 -23.22
N VAL B 321 4.51 1.48 -22.72
CA VAL B 321 4.16 0.52 -21.64
C VAL B 321 4.75 1.00 -20.31
N VAL B 322 3.96 0.97 -19.23
CA VAL B 322 4.50 1.27 -17.87
C VAL B 322 4.27 0.07 -16.96
N ILE B 323 5.35 -0.33 -16.28
CA ILE B 323 5.37 -1.43 -15.27
C ILE B 323 5.56 -0.77 -13.92
N THR B 324 4.67 -1.04 -12.97
CA THR B 324 4.83 -0.62 -11.56
C THR B 324 5.46 -1.81 -10.84
N ALA B 325 6.57 -1.58 -10.11
CA ALA B 325 7.40 -2.64 -9.50
C ALA B 325 7.76 -2.33 -8.05
N THR B 326 7.96 -3.43 -7.31
CA THR B 326 8.73 -3.55 -6.05
C THR B 326 7.82 -3.42 -4.82
N ASN B 327 7.83 -4.47 -3.96
CA ASN B 327 7.12 -4.51 -2.66
C ASN B 327 5.60 -4.67 -2.86
N MET B 328 5.13 -4.93 -4.07
CA MET B 328 3.69 -4.92 -4.35
C MET B 328 2.98 -5.91 -3.42
N LEU B 329 3.52 -7.13 -3.21
CA LEU B 329 2.94 -8.14 -2.30
C LEU B 329 4.03 -8.66 -1.35
N GLU B 330 4.85 -7.75 -0.84
CA GLU B 330 6.12 -8.07 -0.14
C GLU B 330 5.91 -9.15 0.95
N THR B 331 4.84 -9.03 1.74
CA THR B 331 4.55 -9.92 2.91
C THR B 331 4.44 -11.36 2.42
N MET B 332 4.00 -11.56 1.19
CA MET B 332 3.81 -12.92 0.63
C MET B 332 5.12 -13.64 0.32
N THR B 333 6.25 -13.04 0.63
CA THR B 333 7.55 -13.73 0.62
C THR B 333 7.50 -14.78 1.75
N GLU B 334 6.86 -14.47 2.86
CA GLU B 334 6.90 -15.33 4.08
C GLU B 334 5.49 -15.81 4.48
N LYS B 335 4.41 -15.21 4.00
CA LYS B 335 3.05 -15.55 4.46
C LYS B 335 2.16 -15.79 3.25
N PRO B 336 1.13 -16.65 3.38
CA PRO B 336 0.23 -16.94 2.26
C PRO B 336 -0.80 -15.84 1.90
N ARG B 337 -0.98 -14.85 2.76
CA ARG B 337 -1.93 -13.74 2.52
C ARG B 337 -1.17 -12.41 2.64
N ALA B 338 -1.53 -11.49 1.78
CA ALA B 338 -0.90 -10.16 1.75
C ALA B 338 -1.57 -9.29 2.79
N THR B 339 -0.89 -8.20 3.18
CA THR B 339 -1.45 -7.14 4.02
C THR B 339 -2.52 -6.31 3.26
N ARG B 340 -3.28 -5.52 4.00
CA ARG B 340 -4.31 -4.63 3.42
C ARG B 340 -3.62 -3.50 2.63
N SER B 341 -2.44 -3.09 3.02
CA SER B 341 -1.68 -2.01 2.33
C SER B 341 -1.12 -2.56 1.03
N GLU B 342 -0.81 -3.85 0.99
CA GLU B 342 -0.26 -4.46 -0.24
C GLU B 342 -1.42 -4.59 -1.24
N VAL B 343 -2.58 -4.98 -0.77
CA VAL B 343 -3.73 -5.17 -1.70
C VAL B 343 -4.08 -3.79 -2.24
N SER B 344 -4.01 -2.77 -1.41
CA SER B 344 -4.36 -1.38 -1.74
C SER B 344 -3.36 -0.88 -2.80
N ASP B 345 -2.08 -1.17 -2.64
CA ASP B 345 -1.00 -0.75 -3.57
C ASP B 345 -1.27 -1.33 -4.96
N VAL B 346 -1.60 -2.61 -5.04
CA VAL B 346 -1.75 -3.27 -6.36
C VAL B 346 -3.00 -2.67 -7.02
N PHE B 347 -4.06 -2.52 -6.26
CA PHE B 347 -5.36 -1.98 -6.75
C PHE B 347 -5.13 -0.56 -7.28
N ASN B 348 -4.46 0.29 -6.50
CA ASN B 348 -4.22 1.72 -6.85
C ASN B 348 -3.27 1.86 -8.04
N ALA B 349 -2.33 0.93 -8.24
CA ALA B 349 -1.47 0.92 -9.44
C ALA B 349 -2.35 0.74 -10.67
N VAL B 350 -3.30 -0.16 -10.60
CA VAL B 350 -4.25 -0.43 -11.73
C VAL B 350 -5.08 0.83 -12.03
N ILE B 351 -5.69 1.38 -10.99
CA ILE B 351 -6.56 2.59 -11.13
C ILE B 351 -5.73 3.75 -11.69
N ASP B 352 -4.48 3.92 -11.27
CA ASP B 352 -3.54 4.98 -11.75
C ASP B 352 -3.31 4.85 -13.27
N GLY B 353 -3.48 3.68 -13.84
CA GLY B 353 -3.32 3.44 -15.29
C GLY B 353 -2.23 2.47 -15.66
N THR B 354 -1.63 1.75 -14.71
CA THR B 354 -0.43 0.91 -15.06
C THR B 354 -0.84 -0.14 -16.11
N ASP B 355 0.07 -0.43 -17.04
CA ASP B 355 -0.12 -1.54 -18.03
C ASP B 355 0.12 -2.88 -17.31
N ALA B 356 1.13 -2.90 -16.44
CA ALA B 356 1.63 -4.13 -15.80
C ALA B 356 2.02 -3.87 -14.34
N THR B 357 1.90 -4.92 -13.54
CA THR B 357 2.34 -4.99 -12.12
C THR B 357 3.42 -6.08 -12.02
N MET B 358 4.35 -5.92 -11.10
CA MET B 358 5.51 -6.82 -11.05
C MET B 358 5.67 -7.42 -9.65
N LEU B 359 6.19 -8.63 -9.65
CA LEU B 359 6.67 -9.39 -8.46
C LEU B 359 8.19 -9.58 -8.61
N SER B 360 8.95 -9.32 -7.55
CA SER B 360 10.41 -9.53 -7.45
C SER B 360 10.66 -10.70 -6.47
N GLY B 361 11.04 -10.44 -5.22
CA GLY B 361 11.27 -11.49 -4.19
C GLY B 361 10.10 -12.44 -4.02
N GLU B 362 8.87 -11.95 -4.18
CA GLU B 362 7.63 -12.73 -3.93
C GLU B 362 7.58 -13.97 -4.84
N SER B 363 8.02 -13.87 -6.09
CA SER B 363 8.00 -15.00 -7.03
C SER B 363 9.40 -15.62 -7.18
N ALA B 364 10.47 -14.91 -6.89
CA ALA B 364 11.86 -15.38 -7.12
C ALA B 364 12.39 -16.20 -5.92
N ASN B 365 12.13 -15.71 -4.70
CA ASN B 365 12.86 -16.11 -3.46
C ASN B 365 11.90 -16.58 -2.35
N GLY B 366 10.60 -16.34 -2.47
CA GLY B 366 9.64 -16.52 -1.36
C GLY B 366 9.10 -17.94 -1.29
N LYS B 367 8.32 -18.19 -0.27
CA LYS B 367 7.70 -19.51 -0.02
C LYS B 367 6.44 -19.67 -0.86
N TYR B 368 5.87 -18.62 -1.46
CA TYR B 368 4.51 -18.66 -2.07
C TYR B 368 4.51 -17.99 -3.45
N PRO B 369 5.38 -18.43 -4.39
CA PRO B 369 5.43 -17.82 -5.71
C PRO B 369 4.12 -17.99 -6.48
N LEU B 370 3.50 -19.17 -6.47
CA LEU B 370 2.25 -19.38 -7.23
C LEU B 370 1.11 -18.53 -6.64
N GLU B 371 0.95 -18.55 -5.31
CA GLU B 371 -0.13 -17.83 -4.61
C GLU B 371 0.07 -16.31 -4.82
N SER B 372 1.31 -15.84 -4.89
CA SER B 372 1.65 -14.40 -5.12
C SER B 372 1.10 -13.98 -6.48
N VAL B 373 1.38 -14.76 -7.51
CA VAL B 373 0.87 -14.51 -8.89
C VAL B 373 -0.65 -14.56 -8.84
N THR B 374 -1.24 -15.57 -8.20
CA THR B 374 -2.72 -15.75 -8.13
C THR B 374 -3.35 -14.56 -7.44
N THR B 375 -2.79 -14.15 -6.30
CA THR B 375 -3.31 -13.00 -5.53
C THR B 375 -3.25 -11.73 -6.40
N MET B 376 -2.13 -11.48 -7.06
CA MET B 376 -1.92 -10.25 -7.86
C MET B 376 -2.96 -10.24 -9.00
N ALA B 377 -3.21 -11.39 -9.61
CA ALA B 377 -4.17 -11.54 -10.72
C ALA B 377 -5.57 -11.26 -10.21
N THR B 378 -5.97 -11.82 -9.08
CA THR B 378 -7.28 -11.53 -8.46
C THR B 378 -7.42 -10.02 -8.23
N ILE B 379 -6.43 -9.34 -7.65
CA ILE B 379 -6.53 -7.89 -7.37
C ILE B 379 -6.68 -7.14 -8.69
N ASP B 380 -5.83 -7.49 -9.67
CA ASP B 380 -5.74 -6.80 -10.97
C ASP B 380 -7.10 -6.92 -11.69
N LYS B 381 -7.71 -8.10 -11.68
CA LYS B 381 -9.00 -8.39 -12.36
C LYS B 381 -10.14 -7.63 -11.68
N ASN B 382 -10.16 -7.57 -10.36
CA ASN B 382 -11.17 -6.76 -9.64
C ASN B 382 -10.99 -5.26 -9.99
N ALA B 383 -9.77 -4.74 -9.99
CA ALA B 383 -9.53 -3.30 -10.15
C ALA B 383 -9.94 -2.85 -11.56
N GLN B 384 -9.76 -3.69 -12.58
CA GLN B 384 -10.00 -3.27 -13.97
C GLN B 384 -11.50 -2.93 -14.13
N ALA B 385 -12.36 -3.50 -13.31
CA ALA B 385 -13.83 -3.28 -13.36
C ALA B 385 -14.17 -1.92 -12.75
N LEU B 386 -13.21 -1.24 -12.12
CA LEU B 386 -13.48 0.08 -11.52
C LEU B 386 -12.79 1.19 -12.31
N LEU B 387 -12.21 0.86 -13.46
CA LEU B 387 -11.50 1.86 -14.26
C LEU B 387 -12.50 2.87 -14.82
N ASN B 388 -13.70 2.42 -15.20
CA ASN B 388 -14.81 3.32 -15.64
C ASN B 388 -15.08 4.39 -14.57
N GLU B 389 -15.24 4.01 -13.31
CA GLU B 389 -15.60 4.97 -12.22
C GLU B 389 -14.39 5.76 -11.71
N TYR B 390 -13.22 5.18 -11.53
CA TYR B 390 -12.13 5.80 -10.72
C TYR B 390 -10.85 6.00 -11.54
N GLY B 391 -10.74 5.38 -12.72
CA GLY B 391 -9.55 5.48 -13.58
C GLY B 391 -9.01 6.90 -13.68
N ARG B 392 -7.71 7.07 -13.50
CA ARG B 392 -7.02 8.38 -13.60
C ARG B 392 -6.75 8.73 -15.07
N LEU B 393 -6.56 7.76 -15.96
CA LEU B 393 -6.25 8.05 -17.38
C LEU B 393 -7.49 8.66 -18.04
N ASP B 394 -7.27 9.60 -18.95
CA ASP B 394 -8.32 10.34 -19.73
C ASP B 394 -7.92 10.38 -21.20
N SER B 395 -8.39 9.44 -22.00
CA SER B 395 -8.08 9.34 -23.44
C SER B 395 -8.72 10.49 -24.26
N ASP B 396 -9.72 11.19 -23.70
CA ASP B 396 -10.47 12.30 -24.36
C ASP B 396 -9.53 13.45 -24.63
N SER B 397 -8.45 13.58 -23.87
CA SER B 397 -7.53 14.74 -23.96
C SER B 397 -6.44 14.48 -25.01
N PHE B 398 -6.31 13.27 -25.57
CA PHE B 398 -5.15 12.96 -26.46
C PHE B 398 -5.39 13.60 -27.83
N GLU B 399 -4.32 14.04 -28.48
CA GLU B 399 -4.31 14.34 -29.94
C GLU B 399 -4.25 12.99 -30.65
N ARG B 400 -5.17 12.80 -31.60
CA ARG B 400 -5.16 11.63 -32.49
C ARG B 400 -4.22 11.97 -33.65
N ASN B 401 -2.98 11.48 -33.58
CA ASN B 401 -1.85 11.98 -34.40
C ASN B 401 -1.68 11.15 -35.67
N SER B 402 -2.52 10.14 -35.93
CA SER B 402 -2.47 9.37 -37.20
C SER B 402 -3.82 8.73 -37.46
N LYS B 403 -3.99 8.19 -38.66
CA LYS B 403 -5.24 7.49 -39.05
C LYS B 403 -5.44 6.21 -38.23
N THR B 404 -4.38 5.47 -37.89
CA THR B 404 -4.55 4.28 -37.05
C THR B 404 -5.05 4.73 -35.68
N GLU B 405 -4.54 5.84 -35.16
CA GLU B 405 -4.93 6.33 -33.82
C GLU B 405 -6.37 6.83 -33.90
N VAL B 406 -6.75 7.44 -35.04
CA VAL B 406 -8.18 7.82 -35.27
C VAL B 406 -9.04 6.56 -35.18
N MET B 407 -8.61 5.45 -35.78
CA MET B 407 -9.39 4.17 -35.69
C MET B 407 -9.40 3.65 -34.24
N ALA B 408 -8.31 3.80 -33.48
CA ALA B 408 -8.27 3.38 -32.06
C ALA B 408 -9.28 4.19 -31.22
N SER B 409 -9.37 5.49 -31.45
CA SER B 409 -10.38 6.37 -30.78
C SER B 409 -11.79 5.88 -31.11
N ALA B 410 -12.08 5.54 -32.37
CA ALA B 410 -13.42 5.09 -32.79
C ALA B 410 -13.77 3.74 -32.13
N VAL B 411 -12.81 2.85 -32.00
CA VAL B 411 -12.98 1.56 -31.28
C VAL B 411 -13.35 1.85 -29.82
N LYS B 412 -12.59 2.71 -29.14
CA LYS B 412 -12.91 3.09 -27.74
C LYS B 412 -14.34 3.64 -27.68
N ASP B 413 -14.73 4.46 -28.64
CA ASP B 413 -16.10 5.06 -28.67
C ASP B 413 -17.14 3.94 -28.78
N ALA B 414 -16.92 2.94 -29.62
CA ALA B 414 -17.88 1.81 -29.78
C ALA B 414 -18.02 1.04 -28.47
N THR B 415 -16.90 0.79 -27.77
CA THR B 415 -16.90 0.03 -26.51
C THR B 415 -17.50 0.85 -25.36
N SER B 416 -17.58 2.19 -25.48
CA SER B 416 -18.29 3.08 -24.51
C SER B 416 -19.78 3.15 -24.84
N SER B 417 -20.17 3.01 -26.11
CA SER B 417 -21.56 3.21 -26.59
C SER B 417 -22.42 1.97 -26.32
N MET B 418 -21.83 0.78 -26.36
CA MET B 418 -22.55 -0.51 -26.11
C MET B 418 -21.62 -1.52 -25.43
N ASP B 419 -22.18 -2.65 -24.99
CA ASP B 419 -21.40 -3.75 -24.38
C ASP B 419 -20.68 -4.56 -25.48
N ILE B 420 -19.37 -4.40 -25.58
CA ILE B 420 -18.51 -5.12 -26.56
C ILE B 420 -17.72 -6.12 -25.73
N LYS B 421 -17.74 -7.39 -26.11
CA LYS B 421 -17.03 -8.45 -25.33
C LYS B 421 -15.54 -8.40 -25.67
N LEU B 422 -15.18 -8.01 -26.90
CA LEU B 422 -13.82 -8.20 -27.44
C LEU B 422 -13.59 -7.27 -28.64
N VAL B 423 -12.42 -6.66 -28.71
CA VAL B 423 -11.91 -5.98 -29.93
C VAL B 423 -10.93 -6.96 -30.55
N VAL B 424 -10.99 -7.17 -31.85
CA VAL B 424 -10.00 -8.02 -32.57
C VAL B 424 -9.28 -7.11 -33.56
N THR B 425 -7.95 -7.06 -33.53
CA THR B 425 -7.12 -6.39 -34.56
C THR B 425 -6.28 -7.42 -35.29
N LEU B 426 -6.26 -7.36 -36.62
CA LEU B 426 -5.29 -8.10 -37.44
C LEU B 426 -4.13 -7.16 -37.70
N THR B 427 -3.00 -7.44 -37.08
CA THR B 427 -1.89 -6.48 -36.86
C THR B 427 -0.58 -7.18 -37.26
N LYS B 428 0.13 -6.66 -38.25
CA LYS B 428 1.39 -7.27 -38.74
C LYS B 428 2.51 -7.00 -37.73
N THR B 429 2.60 -5.77 -37.21
CA THR B 429 3.70 -5.27 -36.34
C THR B 429 3.20 -5.06 -34.90
N GLY B 430 1.90 -5.11 -34.63
CA GLY B 430 1.26 -4.77 -33.34
C GLY B 430 0.92 -3.29 -33.16
N HIS B 431 1.23 -2.42 -34.11
CA HIS B 431 1.01 -0.94 -34.02
C HIS B 431 -0.47 -0.67 -33.71
N THR B 432 -1.41 -1.32 -34.40
CA THR B 432 -2.87 -1.15 -34.14
C THR B 432 -3.22 -1.62 -32.71
N ALA B 433 -2.63 -2.73 -32.22
CA ALA B 433 -2.95 -3.24 -30.87
C ALA B 433 -2.46 -2.24 -29.82
N ARG B 434 -1.28 -1.66 -30.02
CA ARG B 434 -0.67 -0.72 -29.03
C ARG B 434 -1.53 0.54 -28.97
N LEU B 435 -1.99 1.02 -30.12
CA LEU B 435 -2.85 2.25 -30.15
C LEU B 435 -4.20 1.98 -29.49
N ILE B 436 -4.82 0.85 -29.75
CA ILE B 436 -6.11 0.48 -29.10
C ILE B 436 -5.91 0.34 -27.60
N SER B 437 -4.83 -0.34 -27.22
CA SER B 437 -4.43 -0.50 -25.80
C SER B 437 -4.29 0.87 -25.17
N LYS B 438 -3.60 1.81 -25.81
CA LYS B 438 -3.38 3.18 -25.26
C LYS B 438 -4.71 3.82 -24.82
N TYR B 439 -5.80 3.64 -25.56
CA TYR B 439 -7.14 4.24 -25.31
C TYR B 439 -7.88 3.49 -24.18
N ARG B 440 -7.36 2.35 -23.72
CA ARG B 440 -7.96 1.59 -22.59
C ARG B 440 -9.44 1.30 -22.83
N PRO B 441 -9.82 0.57 -23.90
CA PRO B 441 -11.23 0.31 -24.16
C PRO B 441 -11.82 -0.58 -23.06
N ASN B 442 -13.13 -0.54 -22.89
CA ASN B 442 -13.88 -1.44 -21.97
C ASN B 442 -14.11 -2.81 -22.65
N ALA B 443 -13.03 -3.47 -23.02
CA ALA B 443 -13.06 -4.82 -23.63
C ALA B 443 -11.63 -5.37 -23.67
N ASP B 444 -11.53 -6.69 -23.81
CA ASP B 444 -10.25 -7.39 -24.09
C ASP B 444 -9.89 -7.08 -25.55
N ILE B 445 -8.61 -7.12 -25.90
CA ILE B 445 -8.07 -6.85 -27.25
C ILE B 445 -7.36 -8.11 -27.74
N LEU B 446 -7.95 -8.82 -28.68
CA LEU B 446 -7.31 -9.97 -29.36
C LEU B 446 -6.48 -9.45 -30.53
N ALA B 447 -5.16 -9.57 -30.43
CA ALA B 447 -4.21 -9.12 -31.45
C ALA B 447 -3.74 -10.37 -32.22
N LEU B 448 -4.34 -10.58 -33.37
CA LEU B 448 -3.98 -11.61 -34.35
C LEU B 448 -2.79 -11.11 -35.12
N THR B 449 -1.65 -11.77 -34.94
CA THR B 449 -0.40 -11.39 -35.58
C THR B 449 0.23 -12.62 -36.25
N PHE B 450 1.26 -12.43 -37.06
CA PHE B 450 1.74 -13.45 -38.04
C PHE B 450 3.17 -13.91 -37.76
N ASP B 451 3.73 -13.57 -36.61
CA ASP B 451 5.07 -14.07 -36.20
C ASP B 451 5.20 -14.00 -34.69
N GLU B 452 5.97 -14.92 -34.13
CA GLU B 452 6.15 -15.05 -32.67
C GLU B 452 6.84 -13.84 -32.06
N LEU B 453 7.77 -13.18 -32.74
CA LEU B 453 8.48 -12.00 -32.16
C LEU B 453 7.46 -10.88 -31.91
N THR B 454 6.55 -10.64 -32.85
CA THR B 454 5.50 -9.62 -32.69
C THR B 454 4.57 -10.06 -31.57
N GLU B 455 4.16 -11.32 -31.57
CA GLU B 455 3.29 -11.93 -30.55
C GLU B 455 3.88 -11.66 -29.15
N ARG B 456 5.11 -12.05 -28.88
CA ARG B 456 5.65 -11.96 -27.51
C ARG B 456 5.84 -10.49 -27.18
N GLY B 457 6.16 -9.67 -28.19
CA GLY B 457 6.41 -8.24 -27.96
C GLY B 457 5.18 -7.47 -27.47
N LEU B 458 3.99 -8.04 -27.62
CA LEU B 458 2.74 -7.38 -27.15
C LEU B 458 2.35 -7.86 -25.74
N MET B 459 3.17 -8.67 -25.07
CA MET B 459 2.60 -9.38 -23.90
C MET B 459 2.50 -8.46 -22.69
N LEU B 460 3.12 -7.29 -22.68
CA LEU B 460 3.01 -6.37 -21.51
C LEU B 460 2.08 -5.18 -21.81
N ASN B 461 1.45 -5.12 -22.98
CA ASN B 461 0.46 -4.05 -23.32
C ASN B 461 -0.89 -4.32 -22.62
N TRP B 462 -1.40 -3.33 -21.90
CA TRP B 462 -2.72 -3.43 -21.22
C TRP B 462 -3.75 -4.06 -22.17
N GLY B 463 -4.44 -5.09 -21.70
CA GLY B 463 -5.62 -5.71 -22.31
C GLY B 463 -5.33 -6.59 -23.52
N VAL B 464 -4.09 -6.67 -23.98
CA VAL B 464 -3.81 -7.34 -25.26
C VAL B 464 -3.57 -8.83 -25.01
N ILE B 465 -4.36 -9.66 -25.68
CA ILE B 465 -4.19 -11.13 -25.84
C ILE B 465 -3.59 -11.38 -27.22
N PRO B 466 -2.25 -11.60 -27.28
CA PRO B 466 -1.57 -11.83 -28.54
C PRO B 466 -1.86 -13.26 -29.02
N MET B 467 -2.04 -13.47 -30.31
CA MET B 467 -2.30 -14.83 -30.84
C MET B 467 -1.71 -14.93 -32.25
N LEU B 468 -0.94 -15.99 -32.47
CA LEU B 468 -0.27 -16.24 -33.77
C LEU B 468 -1.29 -16.85 -34.73
N THR B 469 -1.32 -16.37 -35.97
CA THR B 469 -2.16 -16.94 -37.06
C THR B 469 -1.42 -16.80 -38.40
N ASP B 470 -1.92 -17.42 -39.46
CA ASP B 470 -1.34 -17.31 -40.83
C ASP B 470 -1.62 -15.91 -41.34
N ALA B 471 -0.69 -15.28 -42.04
CA ALA B 471 -0.94 -14.02 -42.77
C ALA B 471 -2.14 -14.24 -43.70
N PRO B 472 -3.19 -13.40 -43.65
CA PRO B 472 -4.35 -13.61 -44.50
C PRO B 472 -3.99 -13.23 -45.94
N SER B 473 -4.47 -13.98 -46.92
CA SER B 473 -4.30 -13.70 -48.38
C SER B 473 -5.34 -12.68 -48.84
N SER B 474 -5.15 -12.10 -50.03
CA SER B 474 -6.02 -11.05 -50.59
C SER B 474 -7.44 -11.59 -50.83
N THR B 475 -7.63 -12.91 -50.72
CA THR B 475 -8.87 -13.63 -51.04
C THR B 475 -9.55 -14.13 -49.74
N ASP B 476 -8.93 -13.91 -48.57
CA ASP B 476 -9.49 -14.38 -47.26
C ASP B 476 -10.43 -13.33 -46.68
N ASP B 477 -11.50 -13.74 -45.99
CA ASP B 477 -12.41 -12.82 -45.26
C ASP B 477 -11.88 -12.66 -43.83
N MET B 478 -11.24 -11.54 -43.52
CA MET B 478 -10.56 -11.30 -42.22
C MET B 478 -11.53 -11.17 -41.08
N PHE B 479 -12.77 -10.77 -41.35
CA PHE B 479 -13.84 -10.63 -40.33
C PHE B 479 -14.31 -12.02 -39.90
N GLU B 480 -14.34 -12.99 -40.82
CA GLU B 480 -14.72 -14.40 -40.54
C GLU B 480 -13.61 -15.04 -39.69
N ILE B 481 -12.36 -14.83 -40.10
CA ILE B 481 -11.12 -15.26 -39.40
C ILE B 481 -11.14 -14.73 -37.96
N ALA B 482 -11.30 -13.41 -37.81
CA ALA B 482 -11.34 -12.76 -36.50
C ALA B 482 -12.35 -13.47 -35.62
N GLU B 483 -13.55 -13.76 -36.13
CA GLU B 483 -14.61 -14.38 -35.29
C GLU B 483 -14.24 -15.84 -34.95
N ARG B 484 -13.75 -16.60 -35.92
CA ARG B 484 -13.42 -18.03 -35.69
C ARG B 484 -12.29 -18.12 -34.65
N LYS B 485 -11.26 -17.27 -34.74
CA LYS B 485 -10.11 -17.31 -33.79
C LYS B 485 -10.60 -16.89 -32.39
N ALA B 486 -11.53 -15.95 -32.28
CA ALA B 486 -12.11 -15.57 -30.97
C ALA B 486 -12.92 -16.73 -30.38
N VAL B 487 -13.70 -17.42 -31.22
CA VAL B 487 -14.55 -18.54 -30.73
C VAL B 487 -13.61 -19.71 -30.36
N GLU B 488 -12.60 -20.02 -31.18
CA GLU B 488 -11.66 -21.13 -30.92
C GLU B 488 -10.94 -20.92 -29.57
N ALA B 489 -10.54 -19.68 -29.28
CA ALA B 489 -9.82 -19.33 -28.03
C ALA B 489 -10.77 -19.25 -26.83
N GLY B 490 -12.08 -19.44 -27.01
CA GLY B 490 -13.07 -19.39 -25.91
C GLY B 490 -13.27 -17.99 -25.36
N LEU B 491 -13.01 -16.95 -26.16
CA LEU B 491 -13.14 -15.55 -25.67
C LEU B 491 -14.55 -15.04 -25.89
N VAL B 492 -15.32 -15.61 -26.83
CA VAL B 492 -16.70 -15.12 -27.10
C VAL B 492 -17.57 -16.34 -27.32
N GLU B 493 -18.88 -16.16 -27.21
CA GLU B 493 -19.83 -17.18 -27.68
C GLU B 493 -21.01 -16.55 -28.41
N SER B 494 -21.90 -17.41 -28.88
CA SER B 494 -23.14 -17.09 -29.62
C SER B 494 -23.81 -15.89 -28.96
N GLY B 495 -24.11 -14.85 -29.76
CA GLY B 495 -24.85 -13.67 -29.28
C GLY B 495 -23.94 -12.54 -28.78
N ASP B 496 -22.63 -12.75 -28.61
CA ASP B 496 -21.69 -11.69 -28.15
C ASP B 496 -21.46 -10.68 -29.28
N ASP B 497 -21.29 -9.40 -28.96
CA ASP B 497 -20.94 -8.36 -29.97
C ASP B 497 -19.44 -8.13 -29.86
N ILE B 498 -18.76 -8.10 -30.99
CA ILE B 498 -17.29 -7.82 -31.07
C ILE B 498 -17.04 -6.70 -32.08
N VAL B 499 -15.96 -5.97 -31.87
CA VAL B 499 -15.43 -4.98 -32.84
C VAL B 499 -14.21 -5.61 -33.49
N ILE B 500 -14.14 -5.60 -34.81
CA ILE B 500 -12.95 -6.08 -35.57
C ILE B 500 -12.35 -4.94 -36.39
N VAL B 501 -11.04 -4.74 -36.32
CA VAL B 501 -10.35 -3.77 -37.21
C VAL B 501 -9.30 -4.54 -38.02
N ALA B 502 -9.06 -4.06 -39.24
CA ALA B 502 -8.09 -4.60 -40.20
C ALA B 502 -7.79 -3.55 -41.24
N GLY B 503 -6.71 -3.78 -41.97
CA GLY B 503 -6.38 -3.06 -43.21
C GLY B 503 -6.99 -3.80 -44.37
N VAL B 504 -8.06 -3.29 -44.99
CA VAL B 504 -8.72 -4.06 -46.07
C VAL B 504 -8.68 -3.25 -47.37
N PRO B 505 -8.44 -3.95 -48.51
CA PRO B 505 -8.08 -5.37 -48.50
C PRO B 505 -6.56 -5.54 -48.36
N VAL B 506 -6.13 -6.74 -47.98
CA VAL B 506 -4.69 -7.13 -47.90
C VAL B 506 -4.05 -6.88 -49.26
N GLY B 507 -2.87 -6.25 -49.26
CA GLY B 507 -2.04 -5.97 -50.46
C GLY B 507 -2.29 -4.59 -51.01
N GLU B 508 -3.41 -3.98 -50.67
CA GLU B 508 -3.82 -2.63 -51.13
C GLU B 508 -3.82 -1.67 -49.91
N ALA B 509 -4.40 -2.05 -48.77
CA ALA B 509 -4.45 -1.22 -47.53
C ALA B 509 -3.02 -0.96 -47.04
N VAL B 510 -2.76 0.27 -46.64
CA VAL B 510 -1.43 0.75 -46.20
C VAL B 510 -1.43 0.71 -44.67
N ARG B 511 -2.61 0.51 -44.07
CA ARG B 511 -2.80 0.60 -42.59
C ARG B 511 -4.17 0.05 -42.22
N THR B 512 -4.41 -0.10 -40.93
CA THR B 512 -5.74 -0.42 -40.41
C THR B 512 -6.67 0.69 -40.88
N ASN B 513 -7.80 0.33 -41.52
CA ASN B 513 -8.64 1.31 -42.23
C ASN B 513 -10.12 0.98 -42.05
N THR B 514 -10.47 -0.12 -41.40
CA THR B 514 -11.83 -0.67 -41.39
C THR B 514 -12.16 -1.11 -39.98
N MET B 515 -13.37 -0.73 -39.55
CA MET B 515 -13.95 -1.20 -38.28
C MET B 515 -15.26 -1.89 -38.61
N ARG B 516 -15.49 -3.05 -38.03
CA ARG B 516 -16.77 -3.77 -38.17
C ARG B 516 -17.32 -4.11 -36.79
N ILE B 517 -18.62 -3.96 -36.61
CA ILE B 517 -19.33 -4.44 -35.41
C ILE B 517 -20.10 -5.67 -35.84
N ARG B 518 -19.85 -6.78 -35.14
CA ARG B 518 -20.31 -8.11 -35.58
C ARG B 518 -20.86 -8.87 -34.39
N THR B 519 -22.01 -9.53 -34.58
CA THR B 519 -22.59 -10.46 -33.60
C THR B 519 -22.04 -11.85 -33.90
N VAL B 520 -21.47 -12.51 -32.89
CA VAL B 520 -20.94 -13.90 -33.04
C VAL B 520 -22.12 -14.86 -33.31
N ARG B 521 -21.96 -15.76 -34.29
CA ARG B 521 -22.98 -16.71 -34.87
C ARG B 521 -23.34 -17.81 -33.86
#